data_9F3K
#
_entry.id   9F3K
#
_cell.length_a   205.300
_cell.length_b   205.300
_cell.length_c   87.758
_cell.angle_alpha   90.000
_cell.angle_beta   90.000
_cell.angle_gamma   90.000
#
_symmetry.space_group_name_H-M   'I 4'
#
loop_
_entity.id
_entity.type
_entity.pdbx_description
1 polymer Glucokinase-1
2 non-polymer beta-D-glucopyranose
3 non-polymer 'MALONATE ION'
4 water water
#
_entity_poly.entity_id   1
_entity_poly.type   'polypeptide(L)'
_entity_poly.pdbx_seq_one_letter_code
;MSDPKLTKAVDSICDQFIVTKSKISQLTEYFIDCMEKGLEPCESDISQNKGLPMIPTFVTDKPSGQEHGVTMLAADLGGT
NFRVCSVELLGNHEFKIEQEKSKIPTFFFQDDHHVTSKDLFQHMALITHQFLTKHHKDVIQDYKWKMGFTFSYPVDQTSL
SSGKLIRWTKGFKIGDTVGQDVVQLFQQELNDIGLSNVHVVALTNDTTGTLLARCYASSDAARAINEPVIGCIFGTGTNG
CYMEKLENIHKLDPASREELLSQGKTHMCINTEWGSFDNELNHLPTTSYDIKIDQQFSTNPGFQLFEKRVSGLYLGEILR
NILLDLEKQELFDLKESVLKNNPFILTTETLSHIEIDTVENDLQDTRDALLKAADLETTFEERVLIQKLVRAISRRAAFL
AAVPIAAILIKTNALNQSYHCQVEVGCDGSVVEHYPGFRSMMRHALALSPIGPEGERDVHLRISKDGSGVGAALCALHAN
Y
;
_entity_poly.pdbx_strand_id   A,B
#
loop_
_chem_comp.id
_chem_comp.type
_chem_comp.name
_chem_comp.formula
BGC D-saccharide, beta linking beta-D-glucopyranose 'C6 H12 O6'
MLI non-polymer 'MALONATE ION' 'C3 H2 O4 -2'
#
# COMPACT_ATOMS: atom_id res chain seq x y z
N SER A 2 1.56 40.70 -6.04
CA SER A 2 2.00 42.04 -5.67
C SER A 2 3.02 42.57 -6.67
N ASP A 3 4.02 41.75 -6.99
CA ASP A 3 5.01 42.10 -8.00
C ASP A 3 4.75 41.30 -9.26
N PRO A 4 4.14 41.88 -10.30
CA PRO A 4 3.80 41.06 -11.48
C PRO A 4 5.02 40.54 -12.22
N LYS A 5 6.07 41.35 -12.38
CA LYS A 5 7.24 40.89 -13.11
C LYS A 5 7.89 39.70 -12.41
N LEU A 6 7.91 39.71 -11.08
CA LEU A 6 8.43 38.57 -10.34
C LEU A 6 7.51 37.37 -10.49
N THR A 7 6.20 37.59 -10.34
CA THR A 7 5.23 36.50 -10.44
C THR A 7 5.30 35.82 -11.80
N LYS A 8 5.63 36.57 -12.85
CA LYS A 8 5.77 35.97 -14.17
C LYS A 8 7.16 35.38 -14.39
N ALA A 9 8.17 35.90 -13.69
CA ALA A 9 9.50 35.31 -13.78
C ALA A 9 9.54 33.93 -13.14
N VAL A 10 8.78 33.74 -12.06
CA VAL A 10 8.74 32.44 -11.39
C VAL A 10 7.99 31.43 -12.26
N ASP A 11 6.84 31.84 -12.80
CA ASP A 11 6.11 30.97 -13.72
C ASP A 11 7.00 30.50 -14.86
N SER A 12 7.88 31.38 -15.35
CA SER A 12 8.77 31.01 -16.45
C SER A 12 9.83 30.03 -15.98
N ILE A 13 10.32 30.18 -14.76
CA ILE A 13 11.31 29.25 -14.23
C ILE A 13 10.69 27.89 -13.97
N CYS A 14 9.41 27.87 -13.58
CA CYS A 14 8.73 26.59 -13.32
C CYS A 14 8.54 25.80 -14.60
N ASP A 15 8.23 26.48 -15.70
CA ASP A 15 8.04 25.79 -16.97
C ASP A 15 9.32 25.10 -17.43
N GLN A 16 10.48 25.63 -17.03
CA GLN A 16 11.74 24.99 -17.39
C GLN A 16 11.93 23.65 -16.71
N PHE A 17 11.14 23.34 -15.68
CA PHE A 17 11.25 22.08 -14.96
C PHE A 17 10.25 21.04 -15.42
N ILE A 18 9.35 21.39 -16.33
CA ILE A 18 8.33 20.45 -16.77
C ILE A 18 8.97 19.28 -17.49
N VAL A 19 8.40 18.09 -17.30
CA VAL A 19 8.81 16.89 -18.02
C VAL A 19 7.58 16.36 -18.73
N THR A 20 7.60 16.39 -20.05
CA THR A 20 6.46 15.99 -20.86
C THR A 20 6.47 14.48 -21.08
N LYS A 21 5.32 13.95 -21.48
CA LYS A 21 5.25 12.53 -21.81
C LYS A 21 6.24 12.17 -22.90
N SER A 22 6.43 13.07 -23.88
CA SER A 22 7.41 12.83 -24.93
C SER A 22 8.80 12.68 -24.32
N LYS A 23 9.13 13.51 -23.33
CA LYS A 23 10.41 13.40 -22.67
C LYS A 23 10.50 12.09 -21.89
N ILE A 24 9.44 11.71 -21.20
CA ILE A 24 9.44 10.45 -20.46
C ILE A 24 9.65 9.28 -21.41
N SER A 25 8.90 9.24 -22.50
CA SER A 25 9.06 8.16 -23.48
C SER A 25 10.47 8.14 -24.05
N GLN A 26 10.96 9.31 -24.47
CA GLN A 26 12.32 9.41 -25.01
C GLN A 26 13.34 8.89 -24.02
N LEU A 27 13.28 9.36 -22.78
CA LEU A 27 14.28 8.96 -21.78
C LEU A 27 14.15 7.49 -21.42
N THR A 28 12.93 6.95 -21.45
CA THR A 28 12.74 5.53 -21.20
C THR A 28 13.45 4.69 -22.25
N GLU A 29 13.17 4.96 -23.54
CA GLU A 29 13.82 4.21 -24.62
C GLU A 29 15.33 4.43 -24.59
N TYR A 30 15.77 5.67 -24.36
CA TYR A 30 17.20 5.95 -24.29
C TYR A 30 17.85 5.21 -23.13
N PHE A 31 17.15 5.13 -21.98
CA PHE A 31 17.70 4.41 -20.84
C PHE A 31 17.98 2.95 -21.20
N ILE A 32 17.06 2.32 -21.93
CA ILE A 32 17.27 0.92 -22.31
C ILE A 32 18.48 0.79 -23.22
N ASP A 33 18.61 1.70 -24.21
CA ASP A 33 19.81 1.71 -25.03
C ASP A 33 21.06 1.84 -24.16
N CYS A 34 21.01 2.65 -23.11
CA CYS A 34 22.16 2.78 -22.22
C CYS A 34 22.35 1.53 -21.37
N MET A 35 21.26 0.86 -21.01
CA MET A 35 21.38 -0.43 -20.32
C MET A 35 22.08 -1.45 -21.21
N GLU A 36 21.76 -1.45 -22.50
CA GLU A 36 22.33 -2.46 -23.39
C GLU A 36 23.79 -2.15 -23.71
N LYS A 37 24.11 -0.87 -23.92
CA LYS A 37 25.52 -0.49 -24.06
C LYS A 37 26.31 -0.87 -22.82
N GLY A 38 25.77 -0.59 -21.64
CA GLY A 38 26.47 -0.85 -20.40
C GLY A 38 26.61 -2.32 -20.05
N LEU A 39 25.76 -3.17 -20.62
CA LEU A 39 25.84 -4.61 -20.38
C LEU A 39 26.92 -5.30 -21.20
N GLU A 40 27.62 -4.57 -22.05
CA GLU A 40 28.73 -5.13 -22.83
C GLU A 40 30.04 -4.74 -22.19
N PRO A 41 31.10 -5.53 -22.42
CA PRO A 41 32.40 -5.18 -21.84
C PRO A 41 32.98 -3.92 -22.49
N CYS A 42 33.65 -3.12 -21.66
CA CYS A 42 34.25 -1.88 -22.12
C CYS A 42 35.63 -1.75 -21.47
N GLU A 43 36.44 -0.84 -22.00
CA GLU A 43 37.78 -0.64 -21.49
C GLU A 43 37.74 -0.10 -20.06
N SER A 44 38.92 -0.06 -19.42
CA SER A 44 38.99 0.52 -18.09
C SER A 44 38.57 1.98 -18.10
N ASP A 45 38.77 2.67 -19.23
CA ASP A 45 38.34 4.06 -19.37
C ASP A 45 38.08 4.39 -20.84
N ILE A 46 36.89 4.07 -21.33
CA ILE A 46 36.48 4.50 -22.67
C ILE A 46 36.05 5.96 -22.58
N SER A 47 36.72 6.81 -23.36
CA SER A 47 36.42 8.24 -23.32
C SER A 47 34.94 8.51 -23.50
N GLN A 48 34.23 7.64 -24.22
CA GLN A 48 32.78 7.75 -24.42
C GLN A 48 32.20 6.34 -24.55
N ASN A 49 32.12 5.62 -23.42
CA ASN A 49 31.41 4.35 -23.42
C ASN A 49 29.94 4.55 -23.74
N LYS A 50 29.33 5.60 -23.17
CA LYS A 50 27.95 5.98 -23.41
C LYS A 50 26.96 4.94 -22.94
N GLY A 51 27.40 3.96 -22.16
CA GLY A 51 26.53 2.96 -21.57
C GLY A 51 26.54 3.09 -20.07
N LEU A 52 25.45 2.66 -19.43
CA LEU A 52 25.36 2.73 -17.99
C LEU A 52 26.42 1.84 -17.34
N PRO A 53 26.71 2.06 -16.07
CA PRO A 53 27.66 1.16 -15.39
C PRO A 53 27.23 -0.29 -15.43
N MET A 54 25.99 -0.57 -15.06
CA MET A 54 25.42 -1.92 -15.17
C MET A 54 26.35 -2.94 -14.52
N ILE A 55 26.53 -2.80 -13.21
CA ILE A 55 27.54 -3.52 -12.46
C ILE A 55 26.94 -4.86 -12.02
N PRO A 56 27.51 -6.00 -12.43
CA PRO A 56 27.09 -7.28 -11.85
C PRO A 56 27.42 -7.34 -10.37
N THR A 57 26.41 -7.60 -9.55
CA THR A 57 26.57 -7.68 -8.11
C THR A 57 26.90 -9.09 -7.63
N PHE A 58 26.88 -10.07 -8.53
CA PHE A 58 27.18 -11.47 -8.20
C PHE A 58 26.14 -12.05 -7.24
N VAL A 59 24.92 -11.53 -7.29
CA VAL A 59 23.78 -12.09 -6.58
C VAL A 59 22.88 -12.74 -7.60
N THR A 60 22.68 -14.06 -7.47
CA THR A 60 21.90 -14.82 -8.43
C THR A 60 20.64 -15.44 -7.84
N ASP A 61 20.54 -15.56 -6.52
CA ASP A 61 19.43 -16.23 -5.86
C ASP A 61 18.59 -15.19 -5.12
N LYS A 62 17.30 -15.14 -5.44
CA LYS A 62 16.38 -14.28 -4.71
C LYS A 62 15.92 -14.97 -3.42
N PRO A 63 15.91 -14.27 -2.29
CA PRO A 63 15.44 -14.90 -1.06
C PRO A 63 14.02 -15.42 -1.20
N SER A 64 13.69 -16.38 -0.34
CA SER A 64 12.37 -17.02 -0.36
C SER A 64 11.44 -16.51 0.73
N GLY A 65 11.98 -16.10 1.88
CA GLY A 65 11.21 -15.74 3.04
C GLY A 65 11.24 -16.78 4.13
N GLN A 66 11.64 -18.01 3.81
CA GLN A 66 11.79 -19.07 4.79
C GLN A 66 13.22 -19.24 5.29
N GLU A 67 14.13 -18.38 4.83
CA GLU A 67 15.50 -18.43 5.33
C GLU A 67 15.52 -18.30 6.85
N HIS A 68 16.40 -19.05 7.49
CA HIS A 68 16.50 -19.08 8.93
C HIS A 68 17.95 -19.17 9.35
N GLY A 69 18.31 -18.45 10.41
CA GLY A 69 19.67 -18.52 10.91
C GLY A 69 19.80 -17.79 12.22
N VAL A 70 21.04 -17.76 12.72
CA VAL A 70 21.38 -17.05 13.94
C VAL A 70 21.55 -15.58 13.61
N THR A 71 21.67 -14.75 14.64
CA THR A 71 21.81 -13.31 14.44
C THR A 71 23.05 -13.00 13.61
N MET A 72 22.84 -12.34 12.47
CA MET A 72 23.91 -11.84 11.63
C MET A 72 24.13 -10.35 11.93
N LEU A 73 25.24 -9.82 11.41
CA LEU A 73 25.55 -8.41 11.52
C LEU A 73 25.49 -7.77 10.14
N ALA A 74 25.22 -6.45 10.13
CA ALA A 74 25.19 -5.69 8.91
C ALA A 74 25.72 -4.28 9.18
N ALA A 75 26.45 -3.74 8.21
CA ALA A 75 27.00 -2.40 8.30
C ALA A 75 26.67 -1.66 7.00
N ASP A 76 25.95 -0.56 7.12
CA ASP A 76 25.47 0.20 5.96
C ASP A 76 26.05 1.61 6.01
N LEU A 77 26.91 1.92 5.04
CA LEU A 77 27.46 3.27 4.90
C LEU A 77 26.65 3.97 3.81
N GLY A 78 25.73 4.82 4.23
CA GLY A 78 24.92 5.58 3.29
C GLY A 78 25.62 6.83 2.83
N GLY A 79 24.82 7.79 2.37
CA GLY A 79 25.34 9.08 1.97
C GLY A 79 25.34 10.09 3.09
N THR A 80 24.55 9.81 4.13
CA THR A 80 24.34 10.73 5.24
C THR A 80 24.61 10.10 6.60
N ASN A 81 24.22 8.84 6.79
CA ASN A 81 24.37 8.15 8.05
C ASN A 81 25.18 6.86 7.86
N PHE A 82 25.65 6.33 8.98
CA PHE A 82 26.26 5.00 9.03
C PHE A 82 25.48 4.17 10.04
N ARG A 83 25.00 3.01 9.60
CA ARG A 83 24.17 2.15 10.44
C ARG A 83 24.88 0.82 10.70
N VAL A 84 24.69 0.31 11.91
CA VAL A 84 25.09 -1.03 12.30
C VAL A 84 23.89 -1.68 12.97
N CYS A 85 23.69 -2.97 12.70
CA CYS A 85 22.53 -3.65 13.24
C CYS A 85 22.80 -5.14 13.29
N SER A 86 22.02 -5.83 14.12
CA SER A 86 22.08 -7.28 14.24
C SER A 86 20.71 -7.82 13.84
N VAL A 87 20.70 -8.69 12.83
CA VAL A 87 19.47 -9.21 12.26
C VAL A 87 19.41 -10.72 12.48
N GLU A 88 18.32 -11.18 13.09
CA GLU A 88 18.06 -12.60 13.27
C GLU A 88 16.92 -12.98 12.33
N LEU A 89 17.23 -13.80 11.33
CA LEU A 89 16.24 -14.25 10.37
C LEU A 89 15.49 -15.44 10.94
N LEU A 90 14.18 -15.26 11.16
CA LEU A 90 13.36 -16.26 11.83
C LEU A 90 12.53 -17.10 10.85
N GLY A 91 12.77 -16.95 9.56
CA GLY A 91 11.98 -17.64 8.56
C GLY A 91 10.52 -17.21 8.56
N ASN A 92 9.75 -17.78 7.64
CA ASN A 92 8.32 -17.44 7.51
C ASN A 92 8.12 -15.93 7.40
N HIS A 93 9.04 -15.28 6.69
CA HIS A 93 8.90 -13.86 6.35
C HIS A 93 8.92 -12.97 7.59
N GLU A 94 9.71 -13.35 8.59
CA GLU A 94 9.80 -12.61 9.84
C GLU A 94 11.24 -12.53 10.28
N PHE A 95 11.57 -11.47 11.03
CA PHE A 95 12.95 -11.26 11.46
C PHE A 95 12.97 -10.30 12.65
N LYS A 96 14.06 -10.37 13.40
CA LYS A 96 14.32 -9.48 14.52
C LYS A 96 15.51 -8.60 14.18
N ILE A 97 15.47 -7.34 14.64
CA ILE A 97 16.50 -6.36 14.27
C ILE A 97 16.79 -5.46 15.46
N GLU A 98 18.07 -5.31 15.79
CA GLU A 98 18.57 -4.29 16.70
C GLU A 98 19.54 -3.42 15.92
N GLN A 99 19.31 -2.10 15.92
CA GLN A 99 20.08 -1.20 15.07
C GLN A 99 20.42 0.08 15.81
N GLU A 100 21.56 0.67 15.42
CA GLU A 100 21.99 1.97 15.89
C GLU A 100 22.42 2.80 14.69
N LYS A 101 21.88 4.01 14.56
CA LYS A 101 22.16 4.89 13.42
C LYS A 101 22.93 6.11 13.90
N SER A 102 23.92 6.52 13.11
CA SER A 102 24.77 7.65 13.47
C SER A 102 25.10 8.45 12.22
N LYS A 103 25.05 9.77 12.35
CA LYS A 103 25.42 10.65 11.25
C LYS A 103 26.90 10.51 10.93
N ILE A 104 27.25 10.68 9.66
CA ILE A 104 28.64 10.74 9.24
C ILE A 104 29.18 12.11 9.64
N PRO A 105 30.17 12.19 10.54
CA PRO A 105 30.61 13.50 11.02
C PRO A 105 31.01 14.43 9.88
N THR A 106 30.73 15.72 10.06
CA THR A 106 31.04 16.71 9.03
C THR A 106 32.52 16.72 8.67
N PHE A 107 33.38 16.25 9.57
CA PHE A 107 34.81 16.23 9.31
C PHE A 107 35.15 15.54 8.00
N PHE A 108 34.34 14.57 7.58
CA PHE A 108 34.68 13.75 6.42
C PHE A 108 34.30 14.38 5.09
N PHE A 109 33.52 15.46 5.08
CA PHE A 109 33.12 16.12 3.85
C PHE A 109 33.80 17.46 3.64
N GLN A 110 34.75 17.82 4.52
CA GLN A 110 35.47 19.09 4.41
C GLN A 110 36.84 18.82 3.78
N ASP A 111 37.10 19.49 2.65
CA ASP A 111 38.41 19.41 2.03
C ASP A 111 39.43 20.31 2.71
N ASP A 112 39.00 21.15 3.66
CA ASP A 112 39.95 21.98 4.39
C ASP A 112 40.98 21.14 5.12
N HIS A 113 40.56 19.99 5.65
CA HIS A 113 41.45 19.04 6.29
C HIS A 113 41.68 17.85 5.38
N HIS A 114 42.88 17.29 5.45
CA HIS A 114 43.20 16.09 4.67
C HIS A 114 42.61 14.87 5.35
N VAL A 115 41.66 14.21 4.68
CA VAL A 115 40.99 13.03 5.21
C VAL A 115 41.47 11.82 4.42
N THR A 116 41.59 10.69 5.10
CA THR A 116 42.10 9.46 4.50
C THR A 116 41.14 8.31 4.78
N SER A 117 41.44 7.16 4.14
CA SER A 117 40.57 6.00 4.29
C SER A 117 40.64 5.42 5.70
N LYS A 118 41.80 5.49 6.35
CA LYS A 118 41.90 4.97 7.71
C LYS A 118 40.98 5.74 8.65
N ASP A 119 40.93 7.07 8.52
CA ASP A 119 40.01 7.86 9.31
C ASP A 119 38.59 7.34 9.19
N LEU A 120 38.16 7.03 7.96
CA LEU A 120 36.77 6.64 7.73
C LEU A 120 36.47 5.26 8.32
N PHE A 121 37.22 4.25 7.89
CA PHE A 121 36.90 2.88 8.32
C PHE A 121 37.25 2.66 9.79
N GLN A 122 38.25 3.37 10.31
CA GLN A 122 38.48 3.33 11.76
C GLN A 122 37.26 3.83 12.52
N HIS A 123 36.61 4.88 11.99
CA HIS A 123 35.37 5.36 12.60
C HIS A 123 34.27 4.32 12.50
N MET A 124 34.11 3.69 11.34
CA MET A 124 33.08 2.68 11.16
C MET A 124 33.31 1.50 12.08
N ALA A 125 34.57 1.06 12.23
CA ALA A 125 34.88 -0.05 13.11
C ALA A 125 34.58 0.29 14.56
N LEU A 126 34.85 1.54 14.95
CA LEU A 126 34.57 1.97 16.33
C LEU A 126 33.08 1.94 16.62
N ILE A 127 32.25 2.35 15.64
CA ILE A 127 30.81 2.25 15.81
C ILE A 127 30.38 0.80 15.90
N THR A 128 30.93 -0.06 15.04
CA THR A 128 30.64 -1.49 15.13
C THR A 128 30.90 -2.02 16.53
N HIS A 129 32.02 -1.61 17.13
CA HIS A 129 32.33 -2.03 18.49
C HIS A 129 31.32 -1.47 19.49
N GLN A 130 30.99 -0.18 19.34
CA GLN A 130 29.99 0.44 20.21
C GLN A 130 28.66 -0.30 20.15
N PHE A 131 28.21 -0.63 18.94
CA PHE A 131 26.95 -1.36 18.79
C PHE A 131 26.98 -2.68 19.53
N LEU A 132 28.06 -3.45 19.35
CA LEU A 132 28.16 -4.76 20.01
C LEU A 132 28.24 -4.61 21.52
N THR A 133 28.91 -3.55 22.01
CA THR A 133 28.98 -3.33 23.45
C THR A 133 27.61 -3.01 24.03
N LYS A 134 26.71 -2.44 23.22
CA LYS A 134 25.41 -2.00 23.69
C LYS A 134 24.34 -3.07 23.55
N HIS A 135 24.42 -3.91 22.52
CA HIS A 135 23.39 -4.91 22.24
C HIS A 135 23.85 -6.35 22.43
N HIS A 136 25.15 -6.60 22.53
CA HIS A 136 25.69 -7.95 22.70
C HIS A 136 26.93 -7.88 23.59
N LYS A 137 26.81 -7.21 24.74
CA LYS A 137 27.95 -6.96 25.59
C LYS A 137 28.61 -8.25 26.07
N ASP A 138 27.83 -9.33 26.21
CA ASP A 138 28.37 -10.55 26.78
C ASP A 138 29.22 -11.34 25.78
N VAL A 139 28.95 -11.19 24.48
CA VAL A 139 29.56 -12.03 23.46
C VAL A 139 30.20 -11.19 22.37
N ILE A 140 30.75 -10.02 22.75
CA ILE A 140 31.34 -9.13 21.75
C ILE A 140 32.62 -9.74 21.18
N GLN A 141 33.55 -10.13 22.05
CA GLN A 141 34.82 -10.68 21.62
C GLN A 141 34.83 -12.21 21.54
N ASP A 142 33.71 -12.85 21.84
CA ASP A 142 33.61 -14.31 21.85
C ASP A 142 33.08 -14.87 20.53
N TYR A 143 31.95 -14.37 20.05
CA TYR A 143 31.32 -14.91 18.86
C TYR A 143 32.17 -14.70 17.62
N LYS A 144 31.85 -15.46 16.58
CA LYS A 144 32.45 -15.33 15.25
C LYS A 144 31.40 -14.67 14.36
N TRP A 145 31.22 -13.37 14.53
CA TRP A 145 30.17 -12.66 13.81
C TRP A 145 30.43 -12.68 12.31
N LYS A 146 29.37 -12.91 11.54
CA LYS A 146 29.38 -12.70 10.10
C LYS A 146 28.68 -11.38 9.80
N MET A 147 29.28 -10.56 8.94
CA MET A 147 28.77 -9.24 8.65
C MET A 147 28.61 -9.06 7.15
N GLY A 148 27.42 -8.59 6.75
CA GLY A 148 27.24 -8.09 5.40
C GLY A 148 27.48 -6.59 5.38
N PHE A 149 28.19 -6.13 4.35
CA PHE A 149 28.62 -4.75 4.25
C PHE A 149 27.87 -4.10 3.10
N THR A 150 26.97 -3.17 3.42
CA THR A 150 26.29 -2.38 2.41
C THR A 150 27.09 -1.11 2.17
N PHE A 151 27.62 -0.95 0.96
CA PHE A 151 28.43 0.20 0.58
C PHE A 151 27.68 0.90 -0.55
N SER A 152 26.98 1.98 -0.21
CA SER A 152 26.12 2.66 -1.16
C SER A 152 26.91 3.56 -2.10
N TYR A 153 27.92 3.00 -2.75
CA TYR A 153 28.75 3.74 -3.69
C TYR A 153 29.21 2.79 -4.78
N PRO A 154 29.55 3.30 -5.95
CA PRO A 154 29.91 2.41 -7.07
C PRO A 154 31.14 1.59 -6.74
N VAL A 155 30.99 0.27 -6.81
CA VAL A 155 32.06 -0.68 -6.54
C VAL A 155 32.22 -1.57 -7.75
N ASP A 156 33.46 -1.67 -8.25
CA ASP A 156 33.76 -2.63 -9.29
C ASP A 156 33.67 -4.03 -8.70
N GLN A 157 32.44 -4.49 -8.44
CA GLN A 157 32.25 -5.75 -7.74
C GLN A 157 32.85 -6.89 -8.55
N THR A 158 33.73 -7.65 -7.90
CA THR A 158 34.37 -8.80 -8.52
C THR A 158 33.95 -10.13 -7.91
N SER A 159 33.36 -10.10 -6.72
CA SER A 159 32.76 -11.28 -6.11
C SER A 159 31.75 -10.79 -5.07
N LEU A 160 31.08 -11.75 -4.43
CA LEU A 160 30.14 -11.38 -3.37
C LEU A 160 30.84 -10.72 -2.19
N SER A 161 32.12 -10.99 -2.00
CA SER A 161 32.86 -10.51 -0.84
C SER A 161 34.06 -9.64 -1.24
N SER A 162 34.07 -9.13 -2.47
CA SER A 162 35.21 -8.37 -2.95
C SER A 162 34.75 -7.34 -3.96
N GLY A 163 35.51 -6.25 -4.05
CA GLY A 163 35.20 -5.18 -4.99
C GLY A 163 35.90 -3.90 -4.61
N LYS A 164 36.36 -3.15 -5.62
CA LYS A 164 37.10 -1.91 -5.39
C LYS A 164 36.19 -0.72 -5.65
N LEU A 165 36.30 0.29 -4.79
CA LEU A 165 35.58 1.53 -5.04
C LEU A 165 35.98 2.09 -6.40
N ILE A 166 34.98 2.46 -7.19
CA ILE A 166 35.23 3.04 -8.51
C ILE A 166 35.44 4.55 -8.40
N ARG A 167 34.54 5.23 -7.69
CA ARG A 167 34.58 6.68 -7.57
C ARG A 167 33.57 7.09 -6.50
N TRP A 168 33.97 8.03 -5.65
CA TRP A 168 33.04 8.51 -4.64
C TRP A 168 31.89 9.28 -5.30
N THR A 169 30.80 9.42 -4.55
CA THR A 169 29.67 10.22 -4.98
C THR A 169 29.03 10.83 -3.73
N LYS A 170 28.20 11.85 -3.96
CA LYS A 170 27.39 12.44 -2.90
C LYS A 170 28.26 13.08 -1.82
N GLY A 171 29.04 14.08 -2.24
CA GLY A 171 29.80 14.89 -1.31
C GLY A 171 31.03 14.23 -0.72
N PHE A 172 31.17 12.91 -0.82
CA PHE A 172 32.36 12.25 -0.33
C PHE A 172 33.54 12.52 -1.28
N LYS A 173 34.67 12.89 -0.70
CA LYS A 173 35.90 13.06 -1.47
C LYS A 173 37.06 12.61 -0.58
N ILE A 174 37.59 11.42 -0.87
CA ILE A 174 38.73 10.86 -0.14
C ILE A 174 39.56 10.08 -1.14
N GLY A 175 40.68 10.66 -1.57
CA GLY A 175 41.36 10.16 -2.75
C GLY A 175 41.89 8.74 -2.59
N ASP A 176 42.48 8.43 -1.43
CA ASP A 176 43.18 7.15 -1.28
C ASP A 176 42.25 5.95 -1.20
N THR A 177 40.93 6.14 -1.32
CA THR A 177 40.00 5.01 -1.33
C THR A 177 39.75 4.48 -2.74
N VAL A 178 39.84 5.34 -3.75
CA VAL A 178 39.55 4.91 -5.12
C VAL A 178 40.51 3.79 -5.53
N GLY A 179 39.95 2.71 -6.07
CA GLY A 179 40.73 1.56 -6.45
C GLY A 179 41.01 0.58 -5.34
N GLN A 180 40.55 0.85 -4.13
CA GLN A 180 40.80 0.01 -2.98
C GLN A 180 39.61 -0.89 -2.71
N ASP A 181 39.89 -2.15 -2.36
CA ASP A 181 38.84 -3.08 -1.98
C ASP A 181 38.26 -2.64 -0.63
N VAL A 182 37.02 -2.17 -0.64
CA VAL A 182 36.43 -1.59 0.57
C VAL A 182 36.16 -2.64 1.63
N VAL A 183 36.07 -3.92 1.26
CA VAL A 183 35.88 -4.97 2.26
C VAL A 183 37.15 -5.12 3.10
N GLN A 184 38.31 -5.15 2.44
CA GLN A 184 39.57 -5.24 3.17
C GLN A 184 39.80 -3.99 4.01
N LEU A 185 39.60 -2.81 3.42
CA LEU A 185 39.74 -1.57 4.18
C LEU A 185 38.92 -1.62 5.46
N PHE A 186 37.66 -2.04 5.36
CA PHE A 186 36.82 -2.16 6.56
C PHE A 186 37.34 -3.26 7.47
N GLN A 187 37.66 -4.43 6.90
CA GLN A 187 38.15 -5.54 7.69
C GLN A 187 39.45 -5.19 8.40
N GLN A 188 40.29 -4.37 7.79
CA GLN A 188 41.57 -4.01 8.40
C GLN A 188 41.35 -3.25 9.70
N GLU A 189 40.52 -2.22 9.66
CA GLU A 189 40.25 -1.42 10.86
C GLU A 189 39.43 -2.18 11.89
N LEU A 190 38.67 -3.20 11.46
CA LEU A 190 37.98 -4.05 12.42
C LEU A 190 38.94 -4.90 13.21
N ASN A 191 39.97 -5.44 12.54
CA ASN A 191 40.98 -6.24 13.24
C ASN A 191 41.76 -5.38 14.23
N ASP A 192 42.09 -4.14 13.85
CA ASP A 192 42.97 -3.29 14.64
C ASP A 192 42.34 -2.79 15.94
N ILE A 193 41.07 -3.09 16.22
CA ILE A 193 40.45 -2.74 17.48
C ILE A 193 39.93 -3.96 18.22
N GLY A 194 40.46 -5.14 17.89
CA GLY A 194 40.10 -6.37 18.57
C GLY A 194 38.95 -7.13 17.96
N LEU A 195 38.19 -6.52 17.06
CA LEU A 195 37.05 -7.17 16.41
C LEU A 195 37.47 -7.99 15.19
N SER A 196 38.65 -8.61 15.24
CA SER A 196 39.06 -9.52 14.17
C SER A 196 38.12 -10.70 14.05
N ASN A 197 37.34 -10.98 15.09
CA ASN A 197 36.32 -12.03 15.06
C ASN A 197 35.08 -11.62 14.28
N VAL A 198 35.02 -10.39 13.78
CA VAL A 198 33.94 -9.93 12.92
C VAL A 198 34.44 -10.01 11.49
N HIS A 199 33.90 -10.94 10.71
CA HIS A 199 34.30 -11.14 9.33
C HIS A 199 33.27 -10.51 8.39
N VAL A 200 33.73 -9.59 7.55
CA VAL A 200 32.89 -8.98 6.52
C VAL A 200 32.83 -9.96 5.35
N VAL A 201 31.77 -10.77 5.30
CA VAL A 201 31.69 -11.88 4.36
C VAL A 201 30.91 -11.54 3.10
N ALA A 202 30.36 -10.33 3.00
CA ALA A 202 29.58 -9.97 1.83
C ALA A 202 29.59 -8.46 1.65
N LEU A 203 29.71 -8.03 0.38
CA LEU A 203 29.62 -6.62 0.01
C LEU A 203 28.46 -6.46 -0.96
N THR A 204 27.60 -5.47 -0.69
CA THR A 204 26.43 -5.22 -1.52
C THR A 204 26.18 -3.73 -1.62
N ASN A 205 25.48 -3.35 -2.68
CA ASN A 205 24.94 -2.01 -2.79
C ASN A 205 23.64 -1.93 -1.99
N ASP A 206 23.26 -0.70 -1.62
CA ASP A 206 22.00 -0.53 -0.90
C ASP A 206 20.80 -0.79 -1.79
N THR A 207 20.96 -0.71 -3.11
CA THR A 207 19.90 -1.14 -4.01
C THR A 207 19.70 -2.65 -3.93
N THR A 208 20.77 -3.41 -4.11
CA THR A 208 20.70 -4.87 -4.01
C THR A 208 20.08 -5.30 -2.69
N GLY A 209 20.62 -4.79 -1.57
CA GLY A 209 20.08 -5.16 -0.28
C GLY A 209 18.60 -4.87 -0.15
N THR A 210 18.17 -3.69 -0.64
CA THR A 210 16.75 -3.34 -0.58
C THR A 210 15.90 -4.37 -1.30
N LEU A 211 16.34 -4.82 -2.48
CA LEU A 211 15.59 -5.84 -3.21
C LEU A 211 15.53 -7.14 -2.43
N LEU A 212 16.68 -7.60 -1.92
CA LEU A 212 16.71 -8.84 -1.17
C LEU A 212 15.78 -8.79 0.03
N ALA A 213 15.75 -7.64 0.73
CA ALA A 213 14.86 -7.49 1.86
C ALA A 213 13.41 -7.76 1.47
N ARG A 214 12.96 -7.16 0.35
CA ARG A 214 11.57 -7.33 -0.07
C ARG A 214 11.26 -8.79 -0.38
N CYS A 215 12.16 -9.47 -1.08
CA CYS A 215 11.92 -10.87 -1.42
C CYS A 215 11.71 -11.73 -0.18
N TYR A 216 12.36 -11.37 0.93
CA TYR A 216 12.20 -12.12 2.17
C TYR A 216 10.92 -11.75 2.91
N ALA A 217 10.66 -10.44 3.05
CA ALA A 217 9.54 -10.00 3.87
C ALA A 217 8.20 -10.12 3.18
N SER A 218 8.18 -10.02 1.84
CA SER A 218 6.92 -10.14 1.11
C SER A 218 6.24 -11.46 1.46
N SER A 219 5.07 -11.37 2.09
CA SER A 219 4.35 -12.55 2.55
C SER A 219 4.15 -13.54 1.40
N ASP A 220 4.09 -14.83 1.75
CA ASP A 220 3.84 -15.86 0.75
C ASP A 220 2.61 -15.53 -0.10
N ALA A 221 1.58 -14.94 0.52
CA ALA A 221 0.44 -14.47 -0.24
C ALA A 221 0.84 -13.35 -1.20
N ALA A 222 1.76 -12.48 -0.77
CA ALA A 222 2.22 -11.41 -1.64
C ALA A 222 3.13 -11.95 -2.74
N ARG A 223 4.10 -12.80 -2.38
CA ARG A 223 4.98 -13.37 -3.39
C ARG A 223 4.21 -14.12 -4.45
N ALA A 224 3.02 -14.62 -4.12
CA ALA A 224 2.21 -15.35 -5.08
C ALA A 224 1.92 -14.50 -6.31
N ILE A 225 1.25 -13.37 -6.11
CA ILE A 225 0.87 -12.48 -7.19
C ILE A 225 1.84 -11.32 -7.35
N ASN A 226 2.35 -10.80 -6.24
CA ASN A 226 3.29 -9.68 -6.25
C ASN A 226 4.71 -10.23 -6.14
N GLU A 227 5.45 -10.21 -7.24
CA GLU A 227 6.85 -10.60 -7.21
C GLU A 227 7.72 -9.35 -7.18
N PRO A 228 8.59 -9.18 -6.18
CA PRO A 228 9.47 -8.00 -6.18
C PRO A 228 10.52 -8.09 -7.29
N VAL A 229 10.58 -7.06 -8.11
CA VAL A 229 11.43 -7.06 -9.29
C VAL A 229 12.53 -6.00 -9.24
N ILE A 230 12.39 -4.94 -8.47
CA ILE A 230 13.39 -3.88 -8.39
C ILE A 230 13.61 -3.49 -6.94
N GLY A 231 14.88 -3.30 -6.57
CA GLY A 231 15.23 -2.59 -5.36
C GLY A 231 15.94 -1.30 -5.71
N CYS A 232 15.34 -0.16 -5.34
CA CYS A 232 15.89 1.14 -5.69
C CYS A 232 15.90 2.03 -4.46
N ILE A 233 16.62 3.15 -4.57
CA ILE A 233 16.80 4.09 -3.48
C ILE A 233 16.47 5.49 -3.98
N PHE A 234 15.79 6.28 -3.14
CA PHE A 234 15.58 7.70 -3.36
C PHE A 234 15.81 8.40 -2.03
N GLY A 235 17.08 8.63 -1.71
CA GLY A 235 17.45 9.31 -0.48
C GLY A 235 18.48 10.39 -0.75
N THR A 236 19.61 10.35 -0.05
CA THR A 236 20.70 11.28 -0.34
C THR A 236 21.08 11.21 -1.81
N GLY A 237 21.26 9.99 -2.33
CA GLY A 237 21.43 9.78 -3.75
C GLY A 237 20.31 8.93 -4.30
N THR A 238 20.43 8.49 -5.56
CA THR A 238 19.44 7.63 -6.17
C THR A 238 20.14 6.55 -6.98
N ASN A 239 19.52 5.38 -7.04
CA ASN A 239 20.08 4.23 -7.74
C ASN A 239 19.06 3.10 -7.65
N GLY A 240 19.23 2.10 -8.52
CA GLY A 240 18.36 0.94 -8.48
C GLY A 240 18.99 -0.24 -9.18
N CYS A 241 18.49 -1.42 -8.82
CA CYS A 241 18.99 -2.68 -9.35
C CYS A 241 17.84 -3.46 -9.98
N TYR A 242 18.21 -4.55 -10.65
CA TYR A 242 17.23 -5.45 -11.26
C TYR A 242 17.93 -6.76 -11.58
N MET A 243 17.12 -7.76 -11.92
CA MET A 243 17.63 -9.07 -12.30
C MET A 243 17.76 -9.16 -13.81
N GLU A 244 18.93 -9.60 -14.27
CA GLU A 244 19.23 -9.71 -15.69
C GLU A 244 19.60 -11.15 -16.02
N LYS A 245 19.06 -11.64 -17.13
CA LYS A 245 19.42 -12.98 -17.59
C LYS A 245 20.92 -13.09 -17.77
N LEU A 246 21.50 -14.15 -17.20
CA LEU A 246 22.94 -14.37 -17.30
C LEU A 246 23.42 -14.30 -18.74
N GLU A 247 22.56 -14.63 -19.70
CA GLU A 247 22.97 -14.59 -21.11
C GLU A 247 23.22 -13.16 -21.57
N ASN A 248 22.39 -12.22 -21.14
CA ASN A 248 22.49 -10.83 -21.56
C ASN A 248 23.63 -10.08 -20.88
N ILE A 249 24.19 -10.62 -19.80
CA ILE A 249 25.30 -9.97 -19.10
C ILE A 249 26.58 -10.33 -19.82
N HIS A 250 26.79 -9.75 -21.01
CA HIS A 250 27.93 -10.11 -21.83
C HIS A 250 29.25 -9.64 -21.21
N LYS A 251 29.22 -8.52 -20.49
CA LYS A 251 30.44 -8.06 -19.83
C LYS A 251 30.91 -9.04 -18.76
N LEU A 252 30.06 -9.99 -18.37
CA LEU A 252 30.47 -11.04 -17.46
C LEU A 252 31.28 -12.09 -18.22
N ASP A 253 32.31 -12.61 -17.56
CA ASP A 253 33.21 -13.61 -18.15
C ASP A 253 32.38 -14.67 -18.88
N PRO A 254 32.57 -14.85 -20.20
CA PRO A 254 31.78 -15.86 -20.92
C PRO A 254 31.89 -17.24 -20.32
N ALA A 255 32.98 -17.55 -19.62
CA ALA A 255 33.09 -18.83 -18.94
C ALA A 255 32.22 -18.88 -17.70
N SER A 256 32.35 -17.86 -16.83
CA SER A 256 31.59 -17.84 -15.58
C SER A 256 30.09 -17.94 -15.84
N ARG A 257 29.59 -17.34 -16.93
CA ARG A 257 28.18 -17.46 -17.25
C ARG A 257 27.77 -18.92 -17.40
N GLU A 258 28.54 -19.69 -18.17
CA GLU A 258 28.20 -21.09 -18.37
C GLU A 258 28.27 -21.88 -17.06
N GLU A 259 29.26 -21.56 -16.22
CA GLU A 259 29.40 -22.25 -14.95
C GLU A 259 28.18 -21.98 -14.06
N LEU A 260 27.77 -20.71 -13.96
CA LEU A 260 26.60 -20.36 -13.18
C LEU A 260 25.34 -21.02 -13.75
N LEU A 261 25.17 -20.97 -15.08
CA LEU A 261 23.97 -21.51 -15.69
C LEU A 261 23.81 -23.00 -15.37
N SER A 262 24.89 -23.77 -15.43
CA SER A 262 24.79 -25.20 -15.16
C SER A 262 24.44 -25.49 -13.70
N GLN A 263 24.74 -24.57 -12.79
CA GLN A 263 24.44 -24.75 -11.38
C GLN A 263 22.98 -24.47 -11.05
N GLY A 264 22.13 -24.19 -12.04
CA GLY A 264 20.74 -23.90 -11.81
C GLY A 264 20.40 -22.42 -11.69
N LYS A 265 21.37 -21.53 -11.92
CA LYS A 265 21.12 -20.11 -11.84
C LYS A 265 20.62 -19.59 -13.18
N THR A 266 19.79 -18.55 -13.12
CA THR A 266 19.16 -17.99 -14.31
C THR A 266 19.48 -16.52 -14.51
N HIS A 267 19.50 -15.73 -13.45
CA HIS A 267 19.77 -14.30 -13.54
C HIS A 267 20.85 -13.92 -12.52
N MET A 268 21.37 -12.72 -12.67
CA MET A 268 22.21 -12.09 -11.67
C MET A 268 21.75 -10.64 -11.50
N CYS A 269 21.75 -10.18 -10.25
CA CYS A 269 21.34 -8.81 -9.98
C CYS A 269 22.34 -7.83 -10.56
N ILE A 270 21.81 -6.79 -11.20
CA ILE A 270 22.62 -5.76 -11.86
C ILE A 270 22.40 -4.45 -11.11
N ASN A 271 23.50 -3.81 -10.71
CA ASN A 271 23.47 -2.48 -10.10
C ASN A 271 23.60 -1.47 -11.22
N THR A 272 22.49 -0.86 -11.62
CA THR A 272 22.51 0.05 -12.76
C THR A 272 23.33 1.30 -12.48
N GLU A 273 23.38 1.73 -11.21
CA GLU A 273 24.04 2.98 -10.86
C GLU A 273 23.43 4.15 -11.64
N TRP A 274 22.10 4.16 -11.71
CA TRP A 274 21.43 5.05 -12.66
C TRP A 274 21.52 6.52 -12.29
N GLY A 275 22.15 6.87 -11.17
CA GLY A 275 22.46 8.27 -10.93
C GLY A 275 23.38 8.86 -11.98
N SER A 276 24.17 8.01 -12.65
CA SER A 276 25.05 8.43 -13.73
C SER A 276 24.34 8.45 -15.09
N PHE A 277 23.08 8.03 -15.15
CA PHE A 277 22.36 7.92 -16.41
C PHE A 277 22.48 9.21 -17.22
N ASP A 278 22.95 9.07 -18.46
CA ASP A 278 23.08 10.18 -19.40
C ASP A 278 23.90 11.32 -18.80
N ASN A 279 25.15 10.99 -18.44
CA ASN A 279 26.05 12.00 -17.91
C ASN A 279 26.46 13.02 -18.96
N GLU A 280 26.31 12.70 -20.25
CA GLU A 280 26.62 13.66 -21.30
C GLU A 280 25.49 14.64 -21.56
N LEU A 281 24.37 14.51 -20.83
CA LEU A 281 23.23 15.42 -20.97
C LEU A 281 22.70 15.45 -22.41
N ASN A 282 22.83 14.33 -23.12
CA ASN A 282 22.28 14.26 -24.48
C ASN A 282 20.77 14.43 -24.49
N HIS A 283 20.10 14.13 -23.38
CA HIS A 283 18.64 14.15 -23.35
C HIS A 283 18.07 14.60 -22.00
N LEU A 284 18.86 14.55 -20.93
CA LEU A 284 18.32 14.86 -19.61
C LEU A 284 17.87 16.32 -19.55
N PRO A 285 16.70 16.60 -18.98
CA PRO A 285 16.33 18.00 -18.74
C PRO A 285 17.40 18.72 -17.94
N THR A 286 17.74 19.92 -18.37
CA THR A 286 18.83 20.68 -17.75
C THR A 286 18.48 22.16 -17.74
N THR A 287 18.75 22.79 -16.61
CA THR A 287 18.62 24.24 -16.45
C THR A 287 19.99 24.83 -16.14
N SER A 288 20.06 26.16 -16.20
CA SER A 288 21.30 26.84 -15.84
C SER A 288 21.72 26.51 -14.41
N TYR A 289 20.76 26.22 -13.54
CA TYR A 289 21.08 25.92 -12.15
C TYR A 289 21.66 24.51 -12.00
N ASP A 290 21.23 23.59 -12.85
CA ASP A 290 21.81 22.25 -12.85
C ASP A 290 23.28 22.30 -13.23
N ILE A 291 23.62 23.10 -14.24
CA ILE A 291 25.01 23.21 -14.66
C ILE A 291 25.86 23.79 -13.54
N LYS A 292 25.38 24.87 -12.92
CA LYS A 292 26.13 25.50 -11.83
C LYS A 292 26.40 24.51 -10.70
N ILE A 293 25.36 23.81 -10.26
CA ILE A 293 25.51 22.82 -9.19
C ILE A 293 26.50 21.74 -9.62
N ASP A 294 26.35 21.25 -10.84
CA ASP A 294 27.23 20.18 -11.32
C ASP A 294 28.67 20.64 -11.40
N GLN A 295 28.91 21.82 -11.97
CA GLN A 295 30.28 22.24 -12.27
C GLN A 295 30.96 22.88 -11.06
N GLN A 296 30.26 23.73 -10.32
CA GLN A 296 30.89 24.56 -9.29
C GLN A 296 30.77 23.99 -7.89
N PHE A 297 29.55 23.64 -7.45
CA PHE A 297 29.33 23.27 -6.06
C PHE A 297 29.48 21.77 -5.81
N SER A 298 29.37 20.94 -6.85
CA SER A 298 29.43 19.51 -6.66
C SER A 298 30.87 19.03 -6.53
N THR A 299 31.05 17.95 -5.77
CA THR A 299 32.37 17.34 -5.58
C THR A 299 32.77 16.44 -6.73
N ASN A 300 31.84 16.08 -7.62
CA ASN A 300 32.09 15.18 -8.74
C ASN A 300 31.54 15.80 -10.02
N PRO A 301 32.11 16.91 -10.48
CA PRO A 301 31.59 17.57 -11.68
C PRO A 301 31.61 16.64 -12.88
N GLY A 302 30.53 16.69 -13.66
CA GLY A 302 30.41 15.82 -14.82
C GLY A 302 29.95 14.41 -14.50
N PHE A 303 29.57 14.12 -13.27
CA PHE A 303 29.16 12.79 -12.86
C PHE A 303 27.82 12.86 -12.12
N GLN A 304 27.11 11.73 -12.12
CA GLN A 304 25.88 11.59 -11.35
C GLN A 304 24.88 12.68 -11.69
N LEU A 305 24.77 13.00 -12.99
CA LEU A 305 23.94 14.14 -13.40
C LEU A 305 22.46 13.82 -13.24
N PHE A 306 22.03 12.61 -13.60
CA PHE A 306 20.67 12.18 -13.27
C PHE A 306 20.41 12.35 -11.78
N GLU A 307 21.35 11.86 -10.97
CA GLU A 307 21.22 12.00 -9.52
C GLU A 307 21.07 13.45 -9.11
N LYS A 308 21.89 14.34 -9.68
CA LYS A 308 21.89 15.74 -9.29
C LYS A 308 20.58 16.45 -9.62
N ARG A 309 19.65 15.78 -10.30
CA ARG A 309 18.32 16.33 -10.58
C ARG A 309 17.21 15.64 -9.79
N VAL A 310 17.54 14.62 -8.98
CA VAL A 310 16.51 13.73 -8.45
C VAL A 310 16.66 13.56 -6.95
N SER A 311 17.87 13.28 -6.49
CA SER A 311 18.06 12.85 -5.10
C SER A 311 17.98 14.02 -4.14
N GLY A 312 17.80 13.69 -2.86
CA GLY A 312 17.54 14.70 -1.85
C GLY A 312 18.73 15.54 -1.48
N LEU A 313 19.94 15.09 -1.81
CA LEU A 313 21.14 15.89 -1.54
C LEU A 313 21.18 17.18 -2.36
N TYR A 314 20.49 17.22 -3.51
CA TYR A 314 20.68 18.28 -4.48
C TYR A 314 19.46 19.15 -4.73
N LEU A 315 18.26 18.73 -4.35
CA LEU A 315 17.06 19.49 -4.71
C LEU A 315 17.00 20.81 -3.96
N GLY A 316 17.25 20.79 -2.65
CA GLY A 316 17.25 22.04 -1.90
C GLY A 316 18.26 23.02 -2.43
N GLU A 317 19.42 22.52 -2.87
CA GLU A 317 20.43 23.39 -3.46
C GLU A 317 19.94 24.02 -4.76
N ILE A 318 19.06 23.33 -5.48
CA ILE A 318 18.51 23.90 -6.72
C ILE A 318 17.65 25.12 -6.40
N LEU A 319 16.90 25.08 -5.30
CA LEU A 319 16.12 26.24 -4.90
C LEU A 319 17.02 27.41 -4.56
N ARG A 320 18.11 27.15 -3.82
CA ARG A 320 18.99 28.24 -3.39
C ARG A 320 19.56 28.99 -4.59
N ASN A 321 19.92 28.27 -5.65
CA ASN A 321 20.45 28.93 -6.85
C ASN A 321 19.37 29.69 -7.59
N ILE A 322 18.13 29.19 -7.58
CA ILE A 322 17.04 29.94 -8.19
C ILE A 322 16.81 31.26 -7.45
N LEU A 323 16.88 31.22 -6.12
CA LEU A 323 16.65 32.44 -5.34
C LEU A 323 17.76 33.45 -5.55
N LEU A 324 19.02 32.99 -5.51
CA LEU A 324 20.14 33.90 -5.74
C LEU A 324 20.05 34.54 -7.11
N ASP A 325 19.74 33.75 -8.15
CA ASP A 325 19.56 34.31 -9.48
C ASP A 325 18.45 35.34 -9.50
N LEU A 326 17.38 35.11 -8.73
CA LEU A 326 16.29 36.09 -8.67
C LEU A 326 16.71 37.34 -7.90
N GLU A 327 17.64 37.20 -6.95
CA GLU A 327 18.18 38.38 -6.29
C GLU A 327 19.18 39.10 -7.19
N LYS A 328 20.00 38.34 -7.92
CA LYS A 328 20.90 38.94 -8.90
C LYS A 328 20.14 39.84 -9.88
N GLN A 329 18.96 39.42 -10.30
CA GLN A 329 18.13 40.19 -11.21
C GLN A 329 17.34 41.29 -10.51
N GLU A 330 17.59 41.52 -9.21
CA GLU A 330 16.87 42.55 -8.46
C GLU A 330 15.37 42.32 -8.51
N LEU A 331 14.96 41.07 -8.30
CA LEU A 331 13.55 40.68 -8.27
C LEU A 331 13.09 40.13 -6.93
N PHE A 332 13.98 39.47 -6.18
CA PHE A 332 13.62 38.85 -4.91
C PHE A 332 14.56 39.36 -3.83
N ASP A 333 13.99 39.90 -2.76
CA ASP A 333 14.77 40.44 -1.65
C ASP A 333 15.15 39.30 -0.71
N LEU A 334 16.46 39.03 -0.60
CA LEU A 334 16.95 37.99 0.30
C LEU A 334 17.31 38.54 1.68
N LYS A 335 17.12 39.83 1.92
CA LYS A 335 17.28 40.40 3.26
C LYS A 335 18.62 39.99 3.88
N GLU A 336 18.63 39.74 5.17
CA GLU A 336 19.83 39.30 5.88
C GLU A 336 19.96 37.78 5.92
N SER A 337 19.48 37.09 4.88
CA SER A 337 19.56 35.64 4.84
C SER A 337 21.01 35.21 4.73
N VAL A 338 21.24 33.90 4.92
CA VAL A 338 22.56 33.32 4.86
C VAL A 338 22.70 32.42 3.64
N LEU A 339 21.84 32.61 2.63
CA LEU A 339 21.95 31.82 1.42
C LEU A 339 23.26 32.10 0.69
N LYS A 340 23.64 33.37 0.61
CA LYS A 340 24.86 33.76 -0.09
C LYS A 340 26.07 33.05 0.52
N ASN A 341 26.87 32.43 -0.34
CA ASN A 341 28.15 31.83 0.06
C ASN A 341 27.97 30.68 1.06
N ASN A 342 26.89 29.92 0.94
CA ASN A 342 26.67 28.73 1.75
C ASN A 342 25.95 27.67 0.93
N PRO A 343 26.69 26.95 0.07
CA PRO A 343 26.05 25.92 -0.76
C PRO A 343 25.48 24.80 0.09
N PHE A 344 24.32 24.29 -0.32
CA PHE A 344 23.61 23.18 0.31
C PHE A 344 23.04 23.52 1.67
N ILE A 345 23.08 24.79 2.08
CA ILE A 345 22.48 25.18 3.36
C ILE A 345 20.98 24.87 3.35
N LEU A 346 20.35 24.91 2.19
CA LEU A 346 18.95 24.50 2.04
C LEU A 346 18.91 23.02 1.70
N THR A 347 18.37 22.22 2.61
CA THR A 347 18.26 20.79 2.43
C THR A 347 16.90 20.43 1.85
N THR A 348 16.81 19.21 1.32
CA THR A 348 15.51 18.70 0.87
C THR A 348 14.54 18.58 2.04
N GLU A 349 15.05 18.36 3.25
CA GLU A 349 14.18 18.33 4.42
C GLU A 349 13.51 19.68 4.64
N THR A 350 14.14 20.76 4.19
CA THR A 350 13.50 22.07 4.24
C THR A 350 12.35 22.15 3.25
N LEU A 351 12.56 21.66 2.02
CA LEU A 351 11.52 21.72 1.01
C LEU A 351 10.31 20.89 1.38
N SER A 352 10.51 19.78 2.10
CA SER A 352 9.38 18.93 2.45
C SER A 352 8.36 19.68 3.30
N HIS A 353 8.81 20.63 4.12
CA HIS A 353 7.89 21.47 4.87
C HIS A 353 7.24 22.54 4.01
N ILE A 354 7.70 22.72 2.77
CA ILE A 354 7.14 23.73 1.87
C ILE A 354 6.21 23.07 0.87
N GLU A 355 6.49 21.80 0.55
CA GLU A 355 5.77 21.12 -0.54
C GLU A 355 4.27 21.16 -0.32
N ILE A 356 3.81 20.85 0.90
CA ILE A 356 2.39 20.72 1.18
C ILE A 356 1.90 21.77 2.17
N ASP A 357 2.74 22.76 2.49
CA ASP A 357 2.27 23.87 3.31
C ASP A 357 1.07 24.52 2.62
N THR A 358 0.14 25.04 3.42
CA THR A 358 -1.10 25.56 2.90
C THR A 358 -1.19 27.07 3.09
N VAL A 359 -1.92 27.72 2.19
CA VAL A 359 -2.15 29.16 2.30
C VAL A 359 -3.19 29.49 3.35
N GLU A 360 -4.01 28.50 3.76
CA GLU A 360 -4.99 28.74 4.81
C GLU A 360 -4.34 29.11 6.12
N ASN A 361 -3.05 28.79 6.30
CA ASN A 361 -2.27 29.21 7.44
C ASN A 361 -1.16 30.18 7.05
N ASP A 362 -1.37 30.92 5.94
CA ASP A 362 -0.39 31.89 5.47
C ASP A 362 0.98 31.26 5.26
N LEU A 363 0.99 29.96 4.94
CA LEU A 363 2.23 29.21 4.74
C LEU A 363 3.20 29.46 5.89
N GLN A 364 2.73 29.22 7.11
CA GLN A 364 3.57 29.49 8.27
C GLN A 364 4.70 28.48 8.41
N ASP A 365 4.48 27.23 8.00
CA ASP A 365 5.58 26.26 8.01
C ASP A 365 6.69 26.69 7.06
N THR A 366 6.32 27.15 5.86
CA THR A 366 7.32 27.65 4.92
C THR A 366 8.11 28.80 5.53
N ARG A 367 7.44 29.70 6.25
CA ARG A 367 8.14 30.79 6.92
C ARG A 367 9.13 30.26 7.94
N ASP A 368 8.66 29.40 8.85
CA ASP A 368 9.55 28.87 9.89
C ASP A 368 10.68 28.06 9.30
N ALA A 369 10.40 27.24 8.28
CA ALA A 369 11.43 26.40 7.70
C ALA A 369 12.55 27.24 7.09
N LEU A 370 12.20 28.37 6.47
CA LEU A 370 13.21 29.20 5.84
C LEU A 370 14.01 29.99 6.88
N LEU A 371 13.36 30.42 7.96
CA LEU A 371 14.08 31.10 9.03
C LEU A 371 15.01 30.14 9.75
N LYS A 372 14.53 28.91 10.00
CA LYS A 372 15.35 27.93 10.70
C LYS A 372 16.55 27.48 9.87
N ALA A 373 16.42 27.50 8.54
CA ALA A 373 17.44 26.93 7.67
C ALA A 373 18.46 27.95 7.19
N ALA A 374 18.10 29.22 7.10
CA ALA A 374 19.01 30.23 6.56
C ALA A 374 18.65 31.64 6.98
N ASP A 375 17.96 31.79 8.11
CA ASP A 375 17.57 33.10 8.65
C ASP A 375 17.04 34.01 7.54
N LEU A 376 16.11 33.47 6.76
CA LEU A 376 15.46 34.20 5.67
C LEU A 376 14.03 34.52 6.06
N GLU A 377 13.72 35.80 6.18
CA GLU A 377 12.34 36.22 6.38
C GLU A 377 11.65 36.34 5.02
N THR A 378 10.33 36.12 5.02
CA THR A 378 9.57 36.12 3.80
C THR A 378 8.19 36.71 4.05
N THR A 379 7.65 37.39 3.04
CA THR A 379 6.25 37.78 3.03
C THR A 379 5.41 36.61 2.51
N PHE A 380 4.09 36.75 2.62
CA PHE A 380 3.20 35.69 2.14
C PHE A 380 3.33 35.51 0.64
N GLU A 381 3.32 36.62 -0.11
CA GLU A 381 3.50 36.51 -1.56
C GLU A 381 4.84 35.88 -1.91
N GLU A 382 5.87 36.13 -1.10
CA GLU A 382 7.17 35.52 -1.37
C GLU A 382 7.14 34.02 -1.10
N ARG A 383 6.47 33.60 -0.01
CA ARG A 383 6.37 32.18 0.28
C ARG A 383 5.52 31.47 -0.77
N VAL A 384 4.44 32.10 -1.21
CA VAL A 384 3.62 31.52 -2.27
C VAL A 384 4.50 31.17 -3.47
N LEU A 385 5.38 32.09 -3.85
CA LEU A 385 6.23 31.85 -5.02
C LEU A 385 7.33 30.84 -4.71
N ILE A 386 7.90 30.88 -3.51
CA ILE A 386 8.87 29.86 -3.12
C ILE A 386 8.24 28.48 -3.20
N GLN A 387 6.95 28.38 -2.86
CA GLN A 387 6.26 27.09 -2.92
C GLN A 387 6.09 26.63 -4.36
N LYS A 388 5.78 27.55 -5.28
CA LYS A 388 5.66 27.17 -6.68
C LYS A 388 6.97 26.59 -7.20
N LEU A 389 8.10 27.21 -6.84
CA LEU A 389 9.39 26.70 -7.27
C LEU A 389 9.66 25.33 -6.67
N VAL A 390 9.43 25.18 -5.36
CA VAL A 390 9.69 23.91 -4.70
C VAL A 390 8.88 22.79 -5.36
N ARG A 391 7.60 23.05 -5.62
CA ARG A 391 6.73 22.03 -6.20
C ARG A 391 7.13 21.69 -7.62
N ALA A 392 7.75 22.63 -8.34
CA ALA A 392 8.24 22.34 -9.69
C ALA A 392 9.54 21.53 -9.64
N ILE A 393 10.40 21.83 -8.67
CA ILE A 393 11.67 21.11 -8.56
C ILE A 393 11.42 19.66 -8.19
N SER A 394 10.45 19.42 -7.30
CA SER A 394 10.17 18.06 -6.87
C SER A 394 9.45 17.26 -7.94
N ARG A 395 8.48 17.88 -8.62
CA ARG A 395 7.75 17.17 -9.67
C ARG A 395 8.69 16.65 -10.74
N ARG A 396 9.68 17.46 -11.14
CA ARG A 396 10.66 16.99 -12.11
C ARG A 396 11.43 15.79 -11.57
N ALA A 397 11.83 15.85 -10.30
CA ALA A 397 12.59 14.75 -9.72
C ALA A 397 11.75 13.47 -9.69
N ALA A 398 10.50 13.59 -9.26
CA ALA A 398 9.64 12.41 -9.20
C ALA A 398 9.33 11.87 -10.59
N PHE A 399 9.21 12.75 -11.59
CA PHE A 399 8.97 12.28 -12.95
C PHE A 399 10.20 11.62 -13.53
N LEU A 400 11.37 12.23 -13.35
CA LEU A 400 12.61 11.57 -13.76
C LEU A 400 12.82 10.28 -12.99
N ALA A 401 12.40 10.24 -11.73
CA ALA A 401 12.58 9.03 -10.92
C ALA A 401 11.85 7.84 -11.52
N ALA A 402 10.82 8.06 -12.33
CA ALA A 402 10.05 6.96 -12.89
C ALA A 402 10.70 6.36 -14.13
N VAL A 403 11.50 7.14 -14.86
CA VAL A 403 12.07 6.69 -16.13
C VAL A 403 12.87 5.42 -15.94
N PRO A 404 13.86 5.38 -15.03
CA PRO A 404 14.65 4.15 -14.88
C PRO A 404 13.80 2.94 -14.51
N ILE A 405 12.74 3.14 -13.72
CA ILE A 405 11.88 2.03 -13.34
C ILE A 405 11.09 1.52 -14.54
N ALA A 406 10.39 2.43 -15.22
CA ALA A 406 9.66 2.04 -16.42
C ALA A 406 10.58 1.34 -17.41
N ALA A 407 11.77 1.90 -17.64
CA ALA A 407 12.70 1.32 -18.61
C ALA A 407 13.03 -0.12 -18.23
N ILE A 408 13.32 -0.38 -16.96
CA ILE A 408 13.69 -1.72 -16.53
C ILE A 408 12.52 -2.68 -16.72
N LEU A 409 11.32 -2.28 -16.30
CA LEU A 409 10.15 -3.14 -16.44
C LEU A 409 9.90 -3.50 -17.89
N ILE A 410 10.16 -2.56 -18.80
CA ILE A 410 9.96 -2.83 -20.22
C ILE A 410 10.99 -3.83 -20.72
N LYS A 411 12.28 -3.57 -20.45
CA LYS A 411 13.32 -4.42 -20.98
C LYS A 411 13.13 -5.88 -20.57
N THR A 412 12.82 -6.11 -19.29
CA THR A 412 12.70 -7.46 -18.75
C THR A 412 11.31 -8.05 -18.92
N ASN A 413 10.40 -7.32 -19.56
CA ASN A 413 9.01 -7.76 -19.73
C ASN A 413 8.46 -8.37 -18.44
N ALA A 414 8.49 -7.56 -17.39
CA ALA A 414 8.04 -8.02 -16.08
C ALA A 414 6.53 -7.91 -15.92
N LEU A 415 5.87 -7.10 -16.75
CA LEU A 415 4.43 -6.84 -16.64
C LEU A 415 3.60 -7.81 -17.49
N ASN A 416 4.23 -8.55 -18.39
CA ASN A 416 3.52 -9.51 -19.25
C ASN A 416 3.61 -10.89 -18.60
N GLN A 417 2.85 -11.02 -17.50
CA GLN A 417 2.87 -12.20 -16.65
C GLN A 417 1.51 -12.89 -16.66
N SER A 418 1.28 -13.77 -15.68
CA SER A 418 0.01 -14.49 -15.57
C SER A 418 -1.12 -13.55 -15.16
N TYR A 419 -2.34 -14.09 -15.23
CA TYR A 419 -3.54 -13.34 -14.87
C TYR A 419 -3.43 -12.79 -13.44
N HIS A 420 -3.80 -11.52 -13.28
CA HIS A 420 -3.82 -10.80 -12.02
C HIS A 420 -2.43 -10.53 -11.45
N CYS A 421 -1.37 -10.86 -12.17
CA CYS A 421 -0.02 -10.75 -11.62
C CYS A 421 0.42 -9.30 -11.52
N GLN A 422 0.95 -8.93 -10.35
CA GLN A 422 1.50 -7.61 -10.09
C GLN A 422 3.00 -7.74 -9.80
N VAL A 423 3.70 -6.62 -9.94
CA VAL A 423 5.12 -6.55 -9.63
C VAL A 423 5.31 -5.52 -8.51
N GLU A 424 6.34 -5.75 -7.70
CA GLU A 424 6.62 -4.93 -6.54
C GLU A 424 7.98 -4.26 -6.71
N VAL A 425 8.03 -2.95 -6.47
CA VAL A 425 9.25 -2.17 -6.53
C VAL A 425 9.61 -1.74 -5.11
N GLY A 426 10.72 -2.25 -4.59
CA GLY A 426 11.16 -1.90 -3.26
C GLY A 426 11.92 -0.58 -3.25
N CYS A 427 11.46 0.36 -2.43
CA CYS A 427 12.03 1.70 -2.35
C CYS A 427 12.48 2.00 -0.93
N ASP A 428 13.67 2.60 -0.82
CA ASP A 428 14.18 3.08 0.46
C ASP A 428 14.78 4.46 0.24
N GLY A 429 14.80 5.27 1.29
CA GLY A 429 15.38 6.60 1.23
C GLY A 429 14.44 7.67 1.74
N SER A 430 15.04 8.71 2.35
CA SER A 430 14.24 9.75 3.00
C SER A 430 13.28 10.44 2.03
N VAL A 431 13.65 10.52 0.74
CA VAL A 431 12.82 11.23 -0.22
C VAL A 431 11.54 10.44 -0.50
N VAL A 432 11.68 9.23 -1.05
CA VAL A 432 10.51 8.42 -1.38
C VAL A 432 9.74 8.08 -0.12
N GLU A 433 10.43 7.93 1.01
CA GLU A 433 9.77 7.54 2.25
C GLU A 433 8.99 8.71 2.86
N HIS A 434 9.57 9.92 2.88
CA HIS A 434 9.03 10.99 3.70
C HIS A 434 8.78 12.31 2.97
N TYR A 435 9.08 12.42 1.68
CA TYR A 435 8.80 13.66 0.97
C TYR A 435 7.34 13.66 0.53
N PRO A 436 6.52 14.62 1.00
CA PRO A 436 5.08 14.59 0.65
C PRO A 436 4.80 14.53 -0.84
N GLY A 437 4.05 13.51 -1.25
CA GLY A 437 3.58 13.40 -2.62
C GLY A 437 4.61 12.92 -3.62
N PHE A 438 5.81 12.53 -3.17
CA PHE A 438 6.81 12.09 -4.13
C PHE A 438 6.37 10.80 -4.83
N ARG A 439 5.98 9.79 -4.07
CA ARG A 439 5.51 8.55 -4.69
C ARG A 439 4.28 8.81 -5.56
N SER A 440 3.41 9.72 -5.12
CA SER A 440 2.22 10.02 -5.91
C SER A 440 2.58 10.56 -7.28
N MET A 441 3.64 11.37 -7.36
CA MET A 441 4.07 11.92 -8.64
C MET A 441 4.84 10.90 -9.47
N MET A 442 5.60 10.02 -8.83
CA MET A 442 6.26 8.94 -9.56
C MET A 442 5.24 8.10 -10.32
N ARG A 443 4.13 7.76 -9.66
CA ARG A 443 3.08 6.98 -10.32
C ARG A 443 2.46 7.74 -11.47
N HIS A 444 2.22 9.04 -11.29
CA HIS A 444 1.73 9.86 -12.39
C HIS A 444 2.64 9.74 -13.59
N ALA A 445 3.96 9.77 -13.37
CA ALA A 445 4.90 9.65 -14.47
C ALA A 445 4.86 8.24 -15.08
N LEU A 446 4.80 7.21 -14.24
CA LEU A 446 4.69 5.84 -14.75
C LEU A 446 3.47 5.69 -15.65
N ALA A 447 2.34 6.30 -15.27
CA ALA A 447 1.15 6.24 -16.11
C ALA A 447 1.38 6.94 -17.43
N LEU A 448 2.23 7.98 -17.44
CA LEU A 448 2.60 8.66 -18.68
C LEU A 448 3.65 7.89 -19.46
N SER A 449 4.43 7.04 -18.80
CA SER A 449 5.51 6.30 -19.44
C SER A 449 4.94 5.32 -20.46
N PRO A 450 5.79 4.68 -21.27
CA PRO A 450 5.27 3.75 -22.29
C PRO A 450 4.48 2.58 -21.75
N ILE A 451 4.51 2.32 -20.43
CA ILE A 451 3.72 1.21 -19.90
C ILE A 451 2.27 1.63 -19.66
N GLY A 452 1.98 2.92 -19.60
CA GLY A 452 0.63 3.41 -19.55
C GLY A 452 -0.02 3.21 -18.19
N PRO A 453 -1.23 3.76 -18.03
CA PRO A 453 -1.95 3.57 -16.76
C PRO A 453 -2.21 2.12 -16.42
N GLU A 454 -2.53 1.28 -17.42
CA GLU A 454 -2.74 -0.14 -17.16
C GLU A 454 -1.48 -0.79 -16.58
N GLY A 455 -0.31 -0.28 -16.95
CA GLY A 455 0.94 -0.79 -16.41
C GLY A 455 1.18 -0.28 -15.00
N GLU A 456 1.01 1.03 -14.81
CA GLU A 456 1.17 1.62 -13.48
C GLU A 456 0.38 0.84 -12.43
N ARG A 457 -0.84 0.43 -12.76
CA ARG A 457 -1.68 -0.26 -11.79
C ARG A 457 -1.05 -1.58 -11.35
N ASP A 458 -0.32 -2.24 -12.24
CA ASP A 458 0.34 -3.50 -11.90
C ASP A 458 1.69 -3.29 -11.22
N VAL A 459 2.08 -2.05 -10.96
CA VAL A 459 3.34 -1.72 -10.29
C VAL A 459 3.00 -1.17 -8.91
N HIS A 460 3.67 -1.69 -7.90
CA HIS A 460 3.45 -1.30 -6.51
C HIS A 460 4.76 -0.79 -5.93
N LEU A 461 4.84 0.53 -5.71
CA LEU A 461 6.00 1.12 -5.06
C LEU A 461 5.83 0.92 -3.57
N ARG A 462 6.54 -0.06 -3.01
CA ARG A 462 6.45 -0.41 -1.60
C ARG A 462 7.72 0.00 -0.89
N ILE A 463 7.56 0.52 0.33
CA ILE A 463 8.67 1.00 1.13
C ILE A 463 9.24 -0.16 1.92
N SER A 464 10.57 -0.26 1.94
CA SER A 464 11.26 -1.25 2.75
C SER A 464 12.20 -0.53 3.71
N LYS A 465 11.67 -0.15 4.88
CA LYS A 465 12.49 0.51 5.88
C LYS A 465 13.51 -0.49 6.42
N ASP A 466 14.70 0.00 6.72
CA ASP A 466 15.81 -0.87 7.14
C ASP A 466 16.11 -1.93 6.09
N GLY A 467 15.92 -1.58 4.81
CA GLY A 467 16.15 -2.51 3.73
C GLY A 467 17.61 -2.85 3.57
N SER A 468 18.43 -1.81 3.34
CA SER A 468 19.86 -1.97 3.15
C SER A 468 20.45 -3.03 4.07
N GLY A 469 20.23 -2.90 5.37
CA GLY A 469 20.88 -3.79 6.32
C GLY A 469 20.36 -5.22 6.27
N VAL A 470 19.04 -5.39 6.20
CA VAL A 470 18.47 -6.73 6.20
C VAL A 470 18.99 -7.53 5.01
N GLY A 471 19.06 -6.91 3.84
CA GLY A 471 19.56 -7.62 2.67
C GLY A 471 20.99 -8.07 2.85
N ALA A 472 21.86 -7.17 3.32
CA ALA A 472 23.25 -7.54 3.57
C ALA A 472 23.33 -8.73 4.52
N ALA A 473 22.48 -8.75 5.55
CA ALA A 473 22.46 -9.89 6.46
C ALA A 473 22.12 -11.18 5.71
N LEU A 474 21.17 -11.11 4.78
CA LEU A 474 20.82 -12.30 4.00
C LEU A 474 21.99 -12.80 3.19
N CYS A 475 22.87 -11.90 2.72
CA CYS A 475 24.07 -12.34 2.02
C CYS A 475 25.09 -12.91 3.00
N ALA A 476 25.16 -12.36 4.21
CA ALA A 476 26.07 -12.90 5.21
C ALA A 476 25.69 -14.32 5.59
N LEU A 477 24.39 -14.57 5.79
CA LEU A 477 23.93 -15.91 6.13
C LEU A 477 24.38 -16.92 5.07
N HIS A 478 24.37 -16.53 3.80
CA HIS A 478 24.76 -17.44 2.73
C HIS A 478 26.25 -17.73 2.78
N ALA A 479 27.09 -16.70 2.65
CA ALA A 479 28.52 -16.88 2.65
C ALA A 479 28.99 -17.53 3.95
N ASN A 480 30.24 -17.98 3.94
CA ASN A 480 30.85 -18.66 5.07
C ASN A 480 31.77 -17.71 5.84
N TYR A 481 31.98 -18.03 7.11
CA TYR A 481 32.83 -17.22 7.97
C TYR A 481 34.28 -17.25 7.50
N SER B 2 -13.22 -29.49 -25.68
CA SER B 2 -13.31 -30.21 -26.94
C SER B 2 -14.66 -29.98 -27.62
N ASP B 3 -15.74 -30.12 -26.84
CA ASP B 3 -17.11 -29.89 -27.32
C ASP B 3 -17.20 -28.49 -27.92
N PRO B 4 -17.22 -28.37 -29.25
CA PRO B 4 -17.19 -27.03 -29.84
C PRO B 4 -18.42 -26.20 -29.53
N LYS B 5 -19.61 -26.81 -29.56
CA LYS B 5 -20.83 -26.06 -29.30
C LYS B 5 -20.83 -25.52 -27.87
N LEU B 6 -20.27 -26.28 -26.93
CA LEU B 6 -20.15 -25.81 -25.55
C LEU B 6 -19.19 -24.63 -25.45
N THR B 7 -18.05 -24.72 -26.14
CA THR B 7 -17.06 -23.64 -26.06
C THR B 7 -17.65 -22.31 -26.49
N LYS B 8 -18.62 -22.31 -27.39
CA LYS B 8 -19.26 -21.06 -27.79
C LYS B 8 -20.34 -20.64 -26.82
N ALA B 9 -20.94 -21.59 -26.10
CA ALA B 9 -21.92 -21.23 -25.08
C ALA B 9 -21.26 -20.50 -23.92
N VAL B 10 -20.03 -20.88 -23.58
CA VAL B 10 -19.33 -20.22 -22.47
C VAL B 10 -18.92 -18.80 -22.87
N ASP B 11 -18.35 -18.65 -24.06
CA ASP B 11 -17.99 -17.32 -24.54
C ASP B 11 -19.19 -16.39 -24.52
N SER B 12 -20.37 -16.90 -24.85
CA SER B 12 -21.57 -16.06 -24.88
C SER B 12 -22.00 -15.70 -23.46
N ILE B 13 -21.87 -16.63 -22.53
CA ILE B 13 -22.22 -16.33 -21.15
C ILE B 13 -21.20 -15.39 -20.52
N CYS B 14 -19.93 -15.50 -20.92
CA CYS B 14 -18.92 -14.61 -20.37
C CYS B 14 -19.12 -13.17 -20.85
N ASP B 15 -19.51 -13.00 -22.11
CA ASP B 15 -19.75 -11.65 -22.63
C ASP B 15 -20.94 -10.99 -21.94
N GLN B 16 -21.90 -11.79 -21.46
CA GLN B 16 -23.05 -11.24 -20.75
C GLN B 16 -22.67 -10.61 -19.41
N PHE B 17 -21.48 -10.87 -18.90
CA PHE B 17 -21.03 -10.34 -17.61
C PHE B 17 -20.16 -9.09 -17.76
N ILE B 18 -19.84 -8.68 -18.98
CA ILE B 18 -18.94 -7.54 -19.17
C ILE B 18 -19.60 -6.26 -18.65
N VAL B 19 -18.76 -5.37 -18.12
CA VAL B 19 -19.18 -4.04 -17.69
C VAL B 19 -18.26 -3.04 -18.39
N THR B 20 -18.85 -2.22 -19.27
CA THR B 20 -18.10 -1.26 -20.06
C THR B 20 -17.91 0.04 -19.27
N LYS B 21 -16.97 0.87 -19.75
CA LYS B 21 -16.74 2.16 -19.12
C LYS B 21 -18.00 3.00 -19.14
N SER B 22 -18.76 2.95 -20.23
CA SER B 22 -20.00 3.70 -20.30
C SER B 22 -20.98 3.26 -19.23
N LYS B 23 -21.06 1.94 -18.98
CA LYS B 23 -21.97 1.45 -17.96
C LYS B 23 -21.53 1.90 -16.56
N ILE B 24 -20.22 1.85 -16.29
CA ILE B 24 -19.71 2.30 -15.00
C ILE B 24 -20.09 3.75 -14.77
N SER B 25 -19.87 4.60 -15.78
CA SER B 25 -20.22 6.01 -15.68
C SER B 25 -21.71 6.17 -15.38
N GLN B 26 -22.55 5.42 -16.12
CA GLN B 26 -23.99 5.48 -15.88
C GLN B 26 -24.32 5.16 -14.43
N LEU B 27 -23.78 4.05 -13.92
CA LEU B 27 -24.11 3.59 -12.57
C LEU B 27 -23.55 4.52 -11.50
N THR B 28 -22.40 5.14 -11.75
CA THR B 28 -21.86 6.10 -10.78
C THR B 28 -22.79 7.29 -10.63
N GLU B 29 -23.15 7.93 -11.75
CA GLU B 29 -24.03 9.09 -11.69
C GLU B 29 -25.37 8.72 -11.08
N TYR B 30 -25.92 7.56 -11.44
CA TYR B 30 -27.19 7.15 -10.86
C TYR B 30 -27.03 6.94 -9.35
N PHE B 31 -25.91 6.34 -8.92
CA PHE B 31 -25.69 6.15 -7.50
C PHE B 31 -25.72 7.48 -6.76
N ILE B 32 -25.09 8.52 -7.33
CA ILE B 32 -25.11 9.83 -6.67
C ILE B 32 -26.53 10.36 -6.61
N ASP B 33 -27.28 10.22 -7.70
CA ASP B 33 -28.70 10.58 -7.68
C ASP B 33 -29.42 9.86 -6.55
N CYS B 34 -29.09 8.59 -6.33
CA CYS B 34 -29.75 7.80 -5.30
C CYS B 34 -29.30 8.22 -3.90
N MET B 35 -28.04 8.63 -3.75
CA MET B 35 -27.59 9.15 -2.46
C MET B 35 -28.38 10.39 -2.06
N GLU B 36 -28.64 11.27 -3.02
CA GLU B 36 -29.31 12.53 -2.70
C GLU B 36 -30.79 12.31 -2.42
N LYS B 37 -31.44 11.41 -3.17
CA LYS B 37 -32.81 11.04 -2.84
C LYS B 37 -32.88 10.50 -1.41
N GLY B 38 -31.95 9.60 -1.05
CA GLY B 38 -31.99 8.93 0.23
C GLY B 38 -31.71 9.83 1.41
N LEU B 39 -31.07 10.98 1.18
CA LEU B 39 -30.82 11.93 2.25
C LEU B 39 -32.04 12.79 2.56
N GLU B 40 -33.17 12.58 1.86
CA GLU B 40 -34.40 13.30 2.10
C GLU B 40 -35.36 12.47 2.92
N PRO B 41 -36.28 13.10 3.66
CA PRO B 41 -37.29 12.35 4.40
C PRO B 41 -38.28 11.70 3.44
N CYS B 42 -38.86 10.58 3.89
CA CYS B 42 -39.76 9.80 3.05
C CYS B 42 -41.08 9.42 3.71
N GLU B 43 -41.23 9.61 5.02
CA GLU B 43 -42.44 9.26 5.75
C GLU B 43 -43.11 8.01 5.19
N SER B 44 -42.44 6.88 5.26
CA SER B 44 -43.02 5.60 4.82
C SER B 44 -42.19 4.43 5.33
N GLY B 51 -34.54 5.94 -3.73
CA GLY B 51 -33.35 6.43 -3.06
C GLY B 51 -32.73 5.42 -2.12
N LEU B 52 -31.41 5.53 -1.93
CA LEU B 52 -30.70 4.63 -1.04
C LEU B 52 -31.20 4.81 0.40
N PRO B 53 -30.95 3.83 1.27
CA PRO B 53 -31.31 4.03 2.69
C PRO B 53 -30.63 5.24 3.30
N MET B 54 -29.31 5.37 3.14
CA MET B 54 -28.58 6.56 3.59
C MET B 54 -28.90 6.86 5.05
N ILE B 55 -28.51 5.93 5.91
CA ILE B 55 -28.95 5.91 7.31
C ILE B 55 -27.96 6.75 8.12
N PRO B 56 -28.41 7.81 8.79
CA PRO B 56 -27.52 8.49 9.74
C PRO B 56 -27.18 7.59 10.92
N THR B 57 -25.89 7.41 11.16
CA THR B 57 -25.41 6.55 12.23
C THR B 57 -25.21 7.28 13.55
N PHE B 58 -25.36 8.60 13.57
CA PHE B 58 -25.17 9.41 14.78
C PHE B 58 -23.73 9.34 15.26
N VAL B 59 -22.79 9.12 14.35
CA VAL B 59 -21.36 9.20 14.63
C VAL B 59 -20.85 10.46 13.94
N THR B 60 -20.31 11.39 14.74
CA THR B 60 -19.85 12.67 14.24
C THR B 60 -18.36 12.90 14.37
N ASP B 61 -17.66 12.15 15.22
CA ASP B 61 -16.25 12.38 15.51
C ASP B 61 -15.43 11.21 14.98
N LYS B 62 -14.45 11.51 14.14
CA LYS B 62 -13.51 10.50 13.67
C LYS B 62 -12.40 10.33 14.70
N PRO B 63 -12.03 9.10 15.05
CA PRO B 63 -10.93 8.93 16.01
C PRO B 63 -9.64 9.53 15.47
N SER B 64 -8.72 9.79 16.40
CA SER B 64 -7.44 10.41 16.06
C SER B 64 -6.30 9.41 15.97
N GLY B 65 -6.37 8.33 16.74
CA GLY B 65 -5.29 7.37 16.86
C GLY B 65 -4.54 7.47 18.18
N GLN B 66 -4.68 8.58 18.89
CA GLN B 66 -4.08 8.77 20.20
C GLN B 66 -5.05 8.48 21.34
N GLU B 67 -6.29 8.12 21.02
CA GLU B 67 -7.23 7.76 22.07
C GLU B 67 -6.69 6.60 22.90
N HIS B 68 -6.87 6.69 24.21
CA HIS B 68 -6.43 5.64 25.11
C HIS B 68 -7.43 5.56 26.25
N GLY B 69 -7.71 4.33 26.69
CA GLY B 69 -8.68 4.12 27.75
C GLY B 69 -8.61 2.70 28.26
N VAL B 70 -9.54 2.37 29.13
CA VAL B 70 -9.58 1.03 29.71
C VAL B 70 -10.08 0.05 28.66
N THR B 71 -9.91 -1.23 28.92
CA THR B 71 -10.34 -2.25 27.98
C THR B 71 -11.85 -2.17 27.76
N MET B 72 -12.26 -2.00 26.51
CA MET B 72 -13.66 -2.04 26.13
C MET B 72 -14.00 -3.41 25.57
N LEU B 73 -15.30 -3.68 25.45
CA LEU B 73 -15.80 -4.90 24.86
C LEU B 73 -16.49 -4.60 23.53
N ALA B 74 -16.52 -5.60 22.66
CA ALA B 74 -17.18 -5.49 21.37
C ALA B 74 -17.80 -6.82 21.00
N ALA B 75 -18.98 -6.75 20.37
CA ALA B 75 -19.70 -7.92 19.89
C ALA B 75 -20.13 -7.66 18.47
N ASP B 76 -19.68 -8.51 17.53
CA ASP B 76 -19.91 -8.33 16.11
C ASP B 76 -20.71 -9.50 15.56
N LEU B 77 -21.94 -9.25 15.15
CA LEU B 77 -22.79 -10.25 14.50
C LEU B 77 -22.73 -10.03 12.99
N GLY B 78 -21.93 -10.83 12.30
CA GLY B 78 -21.81 -10.74 10.87
C GLY B 78 -22.90 -11.50 10.16
N GLY B 79 -22.61 -11.88 8.92
CA GLY B 79 -23.53 -12.70 8.15
C GLY B 79 -23.27 -14.18 8.32
N THR B 80 -22.07 -14.51 8.78
CA THR B 80 -21.63 -15.89 8.91
C THR B 80 -21.11 -16.24 10.29
N ASN B 81 -20.40 -15.32 10.94
CA ASN B 81 -19.80 -15.58 12.24
C ASN B 81 -20.29 -14.57 13.26
N PHE B 82 -20.10 -14.89 14.53
CA PHE B 82 -20.32 -13.97 15.63
C PHE B 82 -19.03 -13.88 16.45
N ARG B 83 -18.55 -12.66 16.67
CA ARG B 83 -17.28 -12.41 17.33
C ARG B 83 -17.53 -11.67 18.63
N VAL B 84 -16.74 -11.99 19.65
CA VAL B 84 -16.69 -11.21 20.89
C VAL B 84 -15.22 -10.98 21.21
N CYS B 85 -14.91 -9.79 21.70
CA CYS B 85 -13.52 -9.44 21.92
C CYS B 85 -13.42 -8.31 22.94
N SER B 86 -12.23 -8.18 23.52
CA SER B 86 -11.89 -7.13 24.46
C SER B 86 -10.77 -6.31 23.84
N VAL B 87 -10.99 -5.00 23.71
CA VAL B 87 -10.05 -4.10 23.04
C VAL B 87 -9.56 -3.08 24.05
N GLU B 88 -8.24 -2.98 24.19
CA GLU B 88 -7.60 -1.97 25.02
C GLU B 88 -6.93 -0.94 24.11
N LEU B 89 -7.43 0.29 24.14
CA LEU B 89 -6.88 1.36 23.31
C LEU B 89 -5.67 1.96 24.00
N LEU B 90 -4.50 1.82 23.39
CA LEU B 90 -3.24 2.26 23.97
C LEU B 90 -2.73 3.57 23.39
N GLY B 91 -3.52 4.23 22.56
CA GLY B 91 -3.03 5.44 21.91
C GLY B 91 -1.89 5.15 20.97
N ASN B 92 -1.39 6.17 20.29
CA ASN B 92 -0.30 6.02 19.33
C ASN B 92 -0.65 4.98 18.26
N HIS B 93 -1.93 4.96 17.88
CA HIS B 93 -2.43 4.14 16.76
C HIS B 93 -2.22 2.65 17.02
N GLU B 94 -2.28 2.23 18.28
CA GLU B 94 -2.04 0.83 18.63
C GLU B 94 -3.04 0.40 19.69
N PHE B 95 -3.29 -0.91 19.73
CA PHE B 95 -4.29 -1.48 20.62
C PHE B 95 -4.01 -2.97 20.79
N LYS B 96 -4.51 -3.51 21.90
CA LYS B 96 -4.42 -4.94 22.19
C LYS B 96 -5.82 -5.53 22.15
N ILE B 97 -5.93 -6.77 21.64
CA ILE B 97 -7.22 -7.39 21.39
C ILE B 97 -7.16 -8.88 21.69
N GLU B 98 -8.13 -9.38 22.46
CA GLU B 98 -8.38 -10.80 22.63
C GLU B 98 -9.78 -11.10 22.14
N GLN B 99 -9.91 -12.07 21.23
CA GLN B 99 -11.18 -12.33 20.57
C GLN B 99 -11.41 -13.83 20.41
N GLU B 100 -12.68 -14.20 20.38
CA GLU B 100 -13.11 -15.56 20.06
C GLU B 100 -14.18 -15.47 18.98
N LYS B 101 -13.97 -16.18 17.88
CA LYS B 101 -14.87 -16.16 16.74
C LYS B 101 -15.51 -17.53 16.57
N SER B 102 -16.81 -17.53 16.29
CA SER B 102 -17.59 -18.76 16.17
C SER B 102 -18.61 -18.62 15.05
N LYS B 103 -18.79 -19.71 14.30
CA LYS B 103 -19.79 -19.73 13.24
C LYS B 103 -21.18 -19.56 13.82
N ILE B 104 -22.05 -18.91 13.05
CA ILE B 104 -23.46 -18.78 13.39
C ILE B 104 -24.09 -20.13 13.13
N PRO B 105 -24.58 -20.85 14.14
CA PRO B 105 -25.08 -22.21 13.91
C PRO B 105 -26.16 -22.22 12.84
N THR B 106 -26.18 -23.32 12.06
CA THR B 106 -27.13 -23.44 10.97
C THR B 106 -28.57 -23.32 11.44
N PHE B 107 -28.84 -23.55 12.73
CA PHE B 107 -30.21 -23.46 13.23
C PHE B 107 -30.87 -22.13 12.88
N PHE B 108 -30.08 -21.05 12.77
CA PHE B 108 -30.65 -19.73 12.54
C PHE B 108 -30.94 -19.44 11.07
N PHE B 109 -30.47 -20.28 10.16
CA PHE B 109 -30.73 -20.11 8.74
C PHE B 109 -31.73 -21.12 8.22
N GLN B 110 -32.33 -21.92 9.10
CA GLN B 110 -33.33 -22.92 8.73
C GLN B 110 -34.72 -22.39 9.04
N ASP B 111 -35.56 -22.30 8.02
CA ASP B 111 -36.97 -21.97 8.23
C ASP B 111 -37.79 -23.17 8.68
N ASP B 112 -37.20 -24.37 8.68
CA ASP B 112 -37.90 -25.56 9.14
C ASP B 112 -38.32 -25.41 10.61
N HIS B 113 -37.49 -24.76 11.42
CA HIS B 113 -37.78 -24.52 12.82
C HIS B 113 -38.23 -23.09 13.05
N HIS B 114 -39.11 -22.91 14.03
CA HIS B 114 -39.57 -21.58 14.40
C HIS B 114 -38.48 -20.91 15.23
N VAL B 115 -37.91 -19.84 14.69
CA VAL B 115 -36.83 -19.09 15.34
C VAL B 115 -37.37 -17.75 15.78
N THR B 116 -36.88 -17.28 16.93
CA THR B 116 -37.31 -16.00 17.49
C THR B 116 -36.07 -15.19 17.87
N SER B 117 -36.30 -13.94 18.26
CA SER B 117 -35.19 -13.07 18.62
C SER B 117 -34.51 -13.53 19.89
N LYS B 118 -35.26 -14.10 20.84
CA LYS B 118 -34.65 -14.58 22.07
C LYS B 118 -33.63 -15.68 21.80
N ASP B 119 -33.95 -16.59 20.88
CA ASP B 119 -32.98 -17.62 20.49
C ASP B 119 -31.64 -17.00 20.11
N LEU B 120 -31.67 -15.92 19.32
CA LEU B 120 -30.44 -15.32 18.81
C LEU B 120 -29.66 -14.63 19.93
N PHE B 121 -30.28 -13.69 20.62
CA PHE B 121 -29.57 -12.91 21.61
C PHE B 121 -29.25 -13.75 22.86
N GLN B 122 -30.07 -14.73 23.18
CA GLN B 122 -29.71 -15.66 24.25
C GLN B 122 -28.40 -16.37 23.91
N HIS B 123 -28.23 -16.77 22.65
CA HIS B 123 -26.97 -17.38 22.23
C HIS B 123 -25.82 -16.40 22.31
N MET B 124 -26.03 -15.17 21.84
CA MET B 124 -24.96 -14.17 21.88
C MET B 124 -24.53 -13.87 23.30
N ALA B 125 -25.50 -13.76 24.22
CA ALA B 125 -25.15 -13.46 25.60
C ALA B 125 -24.32 -14.59 26.21
N LEU B 126 -24.64 -15.84 25.87
CA LEU B 126 -23.85 -16.96 26.38
C LEU B 126 -22.43 -16.92 25.83
N ILE B 127 -22.27 -16.53 24.57
CA ILE B 127 -20.93 -16.39 24.02
C ILE B 127 -20.20 -15.26 24.73
N THR B 128 -20.86 -14.14 24.96
CA THR B 128 -20.27 -13.06 25.75
C THR B 128 -19.80 -13.57 27.10
N HIS B 129 -20.62 -14.39 27.76
CA HIS B 129 -20.25 -14.94 29.06
C HIS B 129 -19.06 -15.88 28.96
N GLN B 130 -19.08 -16.79 27.99
CA GLN B 130 -17.96 -17.70 27.80
C GLN B 130 -16.66 -16.91 27.59
N PHE B 131 -16.72 -15.88 26.74
CA PHE B 131 -15.53 -15.07 26.49
C PHE B 131 -15.00 -14.46 27.77
N LEU B 132 -15.89 -13.86 28.57
CA LEU B 132 -15.45 -13.26 29.83
C LEU B 132 -14.94 -14.32 30.81
N THR B 133 -15.59 -15.49 30.82
CA THR B 133 -15.13 -16.57 31.70
C THR B 133 -13.77 -17.10 31.26
N LYS B 134 -13.44 -16.98 29.98
CA LYS B 134 -12.20 -17.54 29.46
C LYS B 134 -11.04 -16.55 29.49
N HIS B 135 -11.32 -15.25 29.30
CA HIS B 135 -10.26 -14.24 29.22
C HIS B 135 -10.27 -13.25 30.36
N HIS B 136 -11.35 -13.16 31.14
CA HIS B 136 -11.44 -12.21 32.25
C HIS B 136 -12.22 -12.83 33.39
N LYS B 137 -11.86 -14.06 33.76
CA LYS B 137 -12.61 -14.78 34.78
C LYS B 137 -12.59 -14.06 36.12
N ASP B 138 -11.52 -13.30 36.39
CA ASP B 138 -11.39 -12.65 37.69
C ASP B 138 -12.27 -11.42 37.81
N VAL B 139 -12.60 -10.78 36.70
CA VAL B 139 -13.31 -9.51 36.73
C VAL B 139 -14.55 -9.58 35.83
N ILE B 140 -15.15 -10.76 35.75
CA ILE B 140 -16.33 -10.93 34.91
C ILE B 140 -17.52 -10.21 35.52
N GLN B 141 -17.84 -10.53 36.78
CA GLN B 141 -18.98 -9.94 37.47
C GLN B 141 -18.62 -8.72 38.30
N ASP B 142 -17.35 -8.32 38.31
CA ASP B 142 -16.90 -7.19 39.13
C ASP B 142 -16.89 -5.89 38.34
N TYR B 143 -16.22 -5.88 37.19
CA TYR B 143 -16.08 -4.65 36.43
C TYR B 143 -17.43 -4.19 35.89
N LYS B 144 -17.46 -2.92 35.49
CA LYS B 144 -18.62 -2.32 34.83
C LYS B 144 -18.28 -2.16 33.34
N TRP B 145 -18.36 -3.27 32.62
CA TRP B 145 -17.95 -3.30 31.23
C TRP B 145 -18.83 -2.40 30.37
N LYS B 146 -18.20 -1.67 29.45
CA LYS B 146 -18.89 -1.00 28.36
C LYS B 146 -18.66 -1.80 27.07
N MET B 147 -19.73 -2.00 26.31
CA MET B 147 -19.69 -2.82 25.10
C MET B 147 -20.21 -2.05 23.90
N GLY B 148 -19.45 -2.06 22.82
CA GLY B 148 -19.96 -1.63 21.53
C GLY B 148 -20.48 -2.81 20.74
N PHE B 149 -21.63 -2.63 20.09
CA PHE B 149 -22.33 -3.70 19.40
C PHE B 149 -22.30 -3.42 17.90
N THR B 150 -21.57 -4.24 17.15
CA THR B 150 -21.56 -4.18 15.70
C THR B 150 -22.63 -5.13 15.18
N PHE B 151 -23.66 -4.58 14.54
CA PHE B 151 -24.77 -5.33 13.98
C PHE B 151 -24.77 -5.07 12.47
N SER B 152 -24.24 -6.03 11.71
CA SER B 152 -24.04 -5.83 10.28
C SER B 152 -25.32 -6.00 9.48
N TYR B 153 -26.37 -5.28 9.85
CA TYR B 153 -27.66 -5.34 9.17
C TYR B 153 -28.31 -3.97 9.26
N PRO B 154 -29.21 -3.65 8.32
CA PRO B 154 -29.80 -2.29 8.30
C PRO B 154 -30.63 -2.02 9.54
N VAL B 155 -30.28 -0.94 10.24
CA VAL B 155 -30.96 -0.53 11.47
C VAL B 155 -31.42 0.91 11.29
N ASP B 156 -32.71 1.15 11.58
CA ASP B 156 -33.25 2.50 11.63
C ASP B 156 -32.64 3.24 12.82
N GLN B 157 -31.37 3.60 12.71
CA GLN B 157 -30.63 4.17 13.84
C GLN B 157 -31.25 5.48 14.29
N THR B 158 -31.54 5.57 15.59
CA THR B 158 -32.10 6.78 16.19
C THR B 158 -31.15 7.46 17.16
N SER B 159 -30.13 6.77 17.64
CA SER B 159 -29.06 7.36 18.43
C SER B 159 -27.87 6.42 18.34
N LEU B 160 -26.77 6.81 19.00
CA LEU B 160 -25.59 5.94 19.01
C LEU B 160 -25.87 4.62 19.70
N SER B 161 -26.87 4.56 20.59
CA SER B 161 -27.13 3.37 21.38
C SER B 161 -28.54 2.81 21.13
N SER B 162 -29.17 3.18 20.03
CA SER B 162 -30.55 2.76 19.78
C SER B 162 -30.77 2.66 18.27
N GLY B 163 -31.70 1.78 17.90
CA GLY B 163 -32.04 1.56 16.51
C GLY B 163 -32.78 0.26 16.32
N LYS B 164 -33.77 0.25 15.43
CA LYS B 164 -34.60 -0.92 15.18
C LYS B 164 -34.20 -1.57 13.87
N LEU B 165 -34.15 -2.91 13.88
CA LEU B 165 -33.88 -3.64 12.65
C LEU B 165 -34.91 -3.30 11.59
N ILE B 166 -34.44 -3.01 10.39
CA ILE B 166 -35.32 -2.73 9.26
C ILE B 166 -35.70 -4.02 8.53
N ARG B 167 -34.71 -4.84 8.22
CA ARG B 167 -34.92 -6.06 7.46
C ARG B 167 -33.65 -6.89 7.48
N TRP B 168 -33.80 -8.19 7.69
CA TRP B 168 -32.64 -9.08 7.65
C TRP B 168 -32.10 -9.16 6.22
N THR B 169 -30.86 -9.63 6.12
CA THR B 169 -30.22 -9.90 4.84
C THR B 169 -29.27 -11.07 5.02
N LYS B 170 -28.85 -11.65 3.90
CA LYS B 170 -27.79 -12.67 3.90
C LYS B 170 -28.23 -13.93 4.66
N GLY B 171 -29.30 -14.55 4.18
CA GLY B 171 -29.71 -15.84 4.71
C GLY B 171 -30.39 -15.77 6.06
N PHE B 172 -30.24 -14.66 6.78
CA PHE B 172 -30.90 -14.49 8.06
C PHE B 172 -32.38 -14.18 7.85
N LYS B 173 -33.24 -14.87 8.59
CA LYS B 173 -34.67 -14.57 8.57
C LYS B 173 -35.23 -14.87 9.96
N ILE B 174 -35.59 -13.81 10.68
CA ILE B 174 -36.19 -13.94 12.00
C ILE B 174 -37.23 -12.83 12.13
N GLY B 175 -38.50 -13.17 11.96
CA GLY B 175 -39.52 -12.15 11.75
C GLY B 175 -39.68 -11.23 12.95
N ASP B 176 -39.68 -11.78 14.15
CA ASP B 176 -40.00 -10.97 15.33
C ASP B 176 -38.89 -9.99 15.69
N THR B 177 -37.80 -9.93 14.91
CA THR B 177 -36.76 -8.94 15.14
C THR B 177 -37.04 -7.63 14.41
N VAL B 178 -37.74 -7.70 13.28
CA VAL B 178 -38.03 -6.49 12.51
C VAL B 178 -38.85 -5.53 13.35
N GLY B 179 -38.41 -4.29 13.42
CA GLY B 179 -39.06 -3.28 14.23
C GLY B 179 -38.64 -3.28 15.69
N GLN B 180 -37.76 -4.18 16.10
CA GLN B 180 -37.30 -4.26 17.48
C GLN B 180 -35.94 -3.60 17.61
N ASP B 181 -35.75 -2.86 18.69
CA ASP B 181 -34.45 -2.27 19.02
C ASP B 181 -33.49 -3.38 19.42
N VAL B 182 -32.49 -3.66 18.58
CA VAL B 182 -31.62 -4.80 18.81
C VAL B 182 -30.71 -4.60 20.02
N VAL B 183 -30.47 -3.36 20.43
CA VAL B 183 -29.63 -3.13 21.61
C VAL B 183 -30.36 -3.59 22.87
N GLN B 184 -31.64 -3.24 22.99
CA GLN B 184 -32.41 -3.68 24.15
C GLN B 184 -32.52 -5.20 24.17
N LEU B 185 -32.86 -5.80 23.03
CA LEU B 185 -32.91 -7.25 22.93
C LEU B 185 -31.61 -7.88 23.43
N PHE B 186 -30.47 -7.36 22.99
CA PHE B 186 -29.19 -7.90 23.44
C PHE B 186 -28.99 -7.65 24.93
N GLN B 187 -29.27 -6.43 25.39
CA GLN B 187 -29.07 -6.11 26.79
C GLN B 187 -29.93 -6.98 27.70
N GLN B 188 -31.14 -7.33 27.25
CA GLN B 188 -32.02 -8.13 28.09
C GLN B 188 -31.42 -9.51 28.35
N GLU B 189 -30.98 -10.19 27.30
CA GLU B 189 -30.40 -11.51 27.49
C GLU B 189 -29.05 -11.44 28.20
N LEU B 190 -28.38 -10.29 28.17
CA LEU B 190 -27.19 -10.11 29.00
C LEU B 190 -27.57 -10.01 30.47
N ASN B 191 -28.64 -9.28 30.78
CA ASN B 191 -29.10 -9.19 32.16
C ASN B 191 -29.58 -10.54 32.67
N ASP B 192 -30.29 -11.29 31.82
CA ASP B 192 -30.93 -12.52 32.25
C ASP B 192 -29.94 -13.65 32.53
N ILE B 193 -28.65 -13.43 32.32
CA ILE B 193 -27.63 -14.41 32.69
C ILE B 193 -26.62 -13.81 33.66
N GLY B 194 -26.98 -12.72 34.33
CA GLY B 194 -26.14 -12.12 35.34
C GLY B 194 -25.19 -11.05 34.84
N LEU B 195 -24.98 -10.95 33.52
CA LEU B 195 -24.06 -9.95 32.98
C LEU B 195 -24.70 -8.58 32.81
N SER B 196 -25.60 -8.21 33.73
CA SER B 196 -26.16 -6.86 33.72
C SER B 196 -25.08 -5.80 33.92
N ASN B 197 -23.91 -6.19 34.42
CA ASN B 197 -22.79 -5.27 34.53
C ASN B 197 -22.11 -5.00 33.19
N VAL B 198 -22.55 -5.68 32.12
CA VAL B 198 -22.08 -5.41 30.77
C VAL B 198 -23.14 -4.54 30.10
N HIS B 199 -22.81 -3.28 29.85
CA HIS B 199 -23.73 -2.33 29.25
C HIS B 199 -23.38 -2.16 27.78
N VAL B 200 -24.35 -2.45 26.90
CA VAL B 200 -24.19 -2.23 25.46
C VAL B 200 -24.44 -0.75 25.22
N VAL B 201 -23.36 0.04 25.15
CA VAL B 201 -23.47 1.49 25.13
C VAL B 201 -23.41 2.06 23.72
N ALA B 202 -23.24 1.24 22.70
CA ALA B 202 -23.12 1.76 21.34
C ALA B 202 -23.53 0.70 20.34
N LEU B 203 -24.24 1.12 19.31
CA LEU B 203 -24.63 0.28 18.18
C LEU B 203 -24.05 0.88 16.91
N THR B 204 -23.38 0.05 16.11
CA THR B 204 -22.77 0.50 14.87
C THR B 204 -22.91 -0.57 13.81
N ASN B 205 -22.84 -0.14 12.57
CA ASN B 205 -22.73 -1.04 11.44
C ASN B 205 -21.27 -1.45 11.27
N ASP B 206 -21.05 -2.57 10.57
CA ASP B 206 -19.69 -3.00 10.32
C ASP B 206 -18.97 -2.09 9.33
N THR B 207 -19.72 -1.33 8.52
CA THR B 207 -19.10 -0.29 7.70
C THR B 207 -18.58 0.84 8.58
N THR B 208 -19.45 1.38 9.44
CA THR B 208 -19.05 2.45 10.35
C THR B 208 -17.81 2.06 11.15
N GLY B 209 -17.86 0.91 11.82
CA GLY B 209 -16.71 0.49 12.60
C GLY B 209 -15.44 0.38 11.79
N THR B 210 -15.55 -0.16 10.57
CA THR B 210 -14.38 -0.29 9.70
C THR B 210 -13.72 1.07 9.45
N LEU B 211 -14.54 2.10 9.19
CA LEU B 211 -13.99 3.43 8.98
C LEU B 211 -13.29 3.94 10.24
N LEU B 212 -13.99 3.87 11.38
CA LEU B 212 -13.40 4.37 12.63
C LEU B 212 -12.11 3.64 12.96
N ALA B 213 -12.09 2.32 12.77
CA ALA B 213 -10.88 1.55 13.05
C ALA B 213 -9.70 2.08 12.25
N ARG B 214 -9.89 2.30 10.95
CA ARG B 214 -8.79 2.78 10.11
C ARG B 214 -8.33 4.17 10.54
N CYS B 215 -9.28 5.06 10.85
CA CYS B 215 -8.90 6.39 11.31
C CYS B 215 -8.03 6.32 12.55
N TYR B 216 -8.21 5.29 13.37
CA TYR B 216 -7.38 5.13 14.56
C TYR B 216 -6.02 4.54 14.18
N ALA B 217 -6.03 3.48 13.37
CA ALA B 217 -4.78 2.79 13.04
C ALA B 217 -3.98 3.52 11.97
N SER B 218 -4.64 4.25 11.08
CA SER B 218 -3.93 5.01 10.06
C SER B 218 -2.92 5.93 10.73
N SER B 219 -1.65 5.71 10.45
CA SER B 219 -0.59 6.46 11.13
C SER B 219 -0.83 7.96 11.00
N ASP B 220 -0.45 8.70 12.05
CA ASP B 220 -0.56 10.14 12.03
C ASP B 220 0.13 10.73 10.80
N ALA B 221 1.25 10.12 10.40
CA ALA B 221 1.89 10.53 9.15
C ALA B 221 0.98 10.28 7.96
N ALA B 222 0.20 9.19 8.01
CA ALA B 222 -0.75 8.91 6.94
C ALA B 222 -1.91 9.89 6.96
N ARG B 223 -2.46 10.17 8.15
CA ARG B 223 -3.58 11.09 8.26
C ARG B 223 -3.30 12.45 7.61
N ALA B 224 -2.02 12.83 7.50
CA ALA B 224 -1.67 14.12 6.92
C ALA B 224 -2.23 14.25 5.51
N ILE B 225 -1.77 13.40 4.59
CA ILE B 225 -2.18 13.47 3.18
C ILE B 225 -3.25 12.42 2.91
N ASN B 226 -3.17 11.26 3.57
CA ASN B 226 -4.13 10.18 3.41
C ASN B 226 -5.18 10.29 4.50
N GLU B 227 -6.37 10.76 4.14
CA GLU B 227 -7.49 10.78 5.07
C GLU B 227 -8.42 9.62 4.78
N PRO B 228 -8.74 8.76 5.75
CA PRO B 228 -9.73 7.69 5.50
C PRO B 228 -11.12 8.31 5.34
N VAL B 229 -11.74 8.03 4.19
CA VAL B 229 -13.03 8.65 3.86
C VAL B 229 -14.16 7.65 3.75
N ILE B 230 -13.88 6.37 3.53
CA ILE B 230 -14.91 5.35 3.40
C ILE B 230 -14.52 4.15 4.23
N GLY B 231 -15.48 3.61 4.96
CA GLY B 231 -15.37 2.27 5.50
C GLY B 231 -16.39 1.39 4.79
N CYS B 232 -15.93 0.37 4.08
CA CYS B 232 -16.79 -0.46 3.27
C CYS B 232 -16.49 -1.92 3.53
N ILE B 233 -17.42 -2.78 3.09
CA ILE B 233 -17.34 -4.20 3.31
C ILE B 233 -17.53 -4.91 1.98
N PHE B 234 -16.71 -5.95 1.74
CA PHE B 234 -16.89 -6.87 0.63
C PHE B 234 -16.61 -8.27 1.19
N GLY B 235 -17.61 -8.83 1.87
CA GLY B 235 -17.51 -10.16 2.44
C GLY B 235 -18.73 -10.99 2.13
N THR B 236 -19.39 -11.51 3.17
CA THR B 236 -20.65 -12.21 2.97
C THR B 236 -21.64 -11.31 2.24
N GLY B 237 -21.76 -10.07 2.70
CA GLY B 237 -22.52 -9.04 2.00
C GLY B 237 -21.61 -7.89 1.62
N THR B 238 -22.19 -6.80 1.12
CA THR B 238 -21.41 -5.61 0.77
C THR B 238 -22.16 -4.37 1.20
N ASN B 239 -21.40 -3.34 1.59
CA ASN B 239 -21.96 -2.09 2.09
C ASN B 239 -20.81 -1.15 2.37
N GLY B 240 -21.12 0.13 2.51
CA GLY B 240 -20.11 1.11 2.86
C GLY B 240 -20.73 2.37 3.43
N CYS B 241 -19.90 3.10 4.16
CA CYS B 241 -20.29 4.35 4.82
C CYS B 241 -19.37 5.48 4.39
N TYR B 242 -19.73 6.69 4.79
CA TYR B 242 -18.92 7.88 4.53
C TYR B 242 -19.40 8.99 5.44
N MET B 243 -18.62 10.08 5.48
CA MET B 243 -18.98 11.25 6.26
C MET B 243 -19.72 12.24 5.37
N GLU B 244 -20.87 12.71 5.85
CA GLU B 244 -21.72 13.63 5.11
C GLU B 244 -21.92 14.92 5.90
N LYS B 245 -21.89 16.04 5.19
CA LYS B 245 -22.16 17.32 5.81
C LYS B 245 -23.52 17.29 6.49
N LEU B 246 -23.57 17.69 7.76
CA LEU B 246 -24.84 17.70 8.49
C LEU B 246 -25.91 18.46 7.73
N GLU B 247 -25.52 19.43 6.90
CA GLU B 247 -26.50 20.21 6.16
C GLU B 247 -27.22 19.35 5.13
N ASN B 248 -26.51 18.43 4.48
CA ASN B 248 -27.09 17.62 3.42
C ASN B 248 -27.99 16.51 3.97
N ILE B 249 -27.89 16.20 5.26
CA ILE B 249 -28.70 15.14 5.87
C ILE B 249 -30.06 15.71 6.24
N HIS B 250 -30.89 15.95 5.22
CA HIS B 250 -32.17 16.60 5.46
C HIS B 250 -33.14 15.72 6.24
N LYS B 251 -33.06 14.40 6.06
CA LYS B 251 -33.92 13.49 6.81
C LYS B 251 -33.64 13.51 8.30
N LEU B 252 -32.52 14.09 8.72
CA LEU B 252 -32.22 14.24 10.14
C LEU B 252 -32.98 15.42 10.71
N ASP B 253 -33.47 15.26 11.94
CA ASP B 253 -34.22 16.30 12.63
C ASP B 253 -33.52 17.65 12.49
N PRO B 254 -34.17 18.66 11.90
CA PRO B 254 -33.50 19.97 11.76
C PRO B 254 -33.02 20.54 13.08
N ALA B 255 -33.62 20.15 14.20
CA ALA B 255 -33.14 20.62 15.50
C ALA B 255 -31.82 19.94 15.87
N SER B 256 -31.78 18.60 15.82
CA SER B 256 -30.56 17.89 16.16
C SER B 256 -29.39 18.37 15.30
N ARG B 257 -29.65 18.71 14.04
CA ARG B 257 -28.61 19.26 13.19
C ARG B 257 -28.02 20.52 13.82
N GLU B 258 -28.88 21.43 14.27
CA GLU B 258 -28.41 22.69 14.82
C GLU B 258 -27.59 22.49 16.08
N GLU B 259 -28.01 21.58 16.96
CA GLU B 259 -27.26 21.34 18.20
C GLU B 259 -25.90 20.73 17.91
N LEU B 260 -25.83 19.76 16.99
CA LEU B 260 -24.54 19.17 16.65
C LEU B 260 -23.59 20.22 16.12
N LEU B 261 -24.09 21.09 15.23
CA LEU B 261 -23.23 22.13 14.67
C LEU B 261 -22.66 23.03 15.77
N SER B 262 -23.49 23.41 16.73
CA SER B 262 -23.02 24.29 17.80
C SER B 262 -21.99 23.61 18.70
N GLN B 263 -22.04 22.27 18.79
CA GLN B 263 -21.07 21.53 19.59
C GLN B 263 -19.74 21.35 18.87
N GLY B 264 -19.57 21.96 17.69
CA GLY B 264 -18.35 21.81 16.92
C GLY B 264 -18.39 20.71 15.90
N LYS B 265 -19.54 20.07 15.70
CA LYS B 265 -19.67 18.98 14.74
C LYS B 265 -19.97 19.55 13.35
N THR B 266 -19.46 18.86 12.33
CA THR B 266 -19.61 19.26 10.94
C THR B 266 -20.25 18.20 10.07
N HIS B 267 -19.92 16.93 10.29
CA HIS B 267 -20.45 15.83 9.50
C HIS B 267 -21.03 14.76 10.41
N MET B 268 -21.76 13.84 9.79
CA MET B 268 -22.19 12.61 10.45
C MET B 268 -21.97 11.45 9.48
N CYS B 269 -21.53 10.31 10.02
CA CYS B 269 -21.32 9.14 9.18
C CYS B 269 -22.65 8.62 8.67
N ILE B 270 -22.69 8.28 7.38
CA ILE B 270 -23.88 7.79 6.72
C ILE B 270 -23.64 6.34 6.31
N ASN B 271 -24.56 5.46 6.69
CA ASN B 271 -24.55 4.07 6.24
C ASN B 271 -25.40 4.00 4.99
N THR B 272 -24.74 3.97 3.83
CA THR B 272 -25.49 4.03 2.57
C THR B 272 -26.32 2.78 2.34
N GLU B 273 -25.89 1.64 2.88
CA GLU B 273 -26.54 0.35 2.61
C GLU B 273 -26.55 0.07 1.11
N TRP B 274 -25.40 0.29 0.47
CA TRP B 274 -25.38 0.31 -1.00
C TRP B 274 -25.62 -1.06 -1.60
N GLY B 275 -25.76 -2.10 -0.79
CA GLY B 275 -26.26 -3.37 -1.29
C GLY B 275 -27.67 -3.27 -1.85
N SER B 276 -28.44 -2.27 -1.41
CA SER B 276 -29.77 -2.02 -1.92
C SER B 276 -29.77 -1.20 -3.20
N PHE B 277 -28.61 -0.72 -3.64
CA PHE B 277 -28.54 0.15 -4.81
C PHE B 277 -29.28 -0.45 -5.99
N ASP B 278 -30.22 0.33 -6.53
CA ASP B 278 -30.98 -0.03 -7.73
C ASP B 278 -31.66 -1.39 -7.55
N ASN B 279 -32.50 -1.48 -6.52
CA ASN B 279 -33.28 -2.70 -6.32
C ASN B 279 -34.32 -2.89 -7.41
N GLU B 280 -34.68 -1.82 -8.12
CA GLU B 280 -35.64 -1.89 -9.21
C GLU B 280 -35.00 -2.34 -10.53
N LEU B 281 -33.70 -2.61 -10.53
CA LEU B 281 -32.99 -3.07 -11.74
C LEU B 281 -33.14 -2.08 -12.89
N ASN B 282 -33.28 -0.80 -12.58
CA ASN B 282 -33.36 0.21 -13.64
C ASN B 282 -32.08 0.30 -14.45
N HIS B 283 -30.94 -0.11 -13.89
CA HIS B 283 -29.67 0.05 -14.59
C HIS B 283 -28.69 -1.08 -14.32
N LEU B 284 -28.90 -1.84 -13.24
CA LEU B 284 -27.93 -2.84 -12.85
C LEU B 284 -27.84 -3.94 -13.91
N PRO B 285 -26.62 -4.39 -14.26
CA PRO B 285 -26.51 -5.56 -15.14
C PRO B 285 -27.27 -6.74 -14.57
N THR B 286 -27.97 -7.46 -15.44
CA THR B 286 -28.81 -8.57 -15.03
C THR B 286 -28.71 -9.69 -16.04
N THR B 287 -28.53 -10.91 -15.56
CA THR B 287 -28.55 -12.12 -16.37
C THR B 287 -29.70 -13.01 -15.91
N SER B 288 -29.97 -14.04 -16.71
CA SER B 288 -31.00 -15.00 -16.32
C SER B 288 -30.71 -15.62 -14.98
N TYR B 289 -29.43 -15.75 -14.63
CA TYR B 289 -29.04 -16.38 -13.37
C TYR B 289 -29.23 -15.46 -12.18
N ASP B 290 -29.06 -14.15 -12.37
CA ASP B 290 -29.30 -13.20 -11.29
C ASP B 290 -30.77 -13.20 -10.87
N ILE B 291 -31.68 -13.23 -11.85
CA ILE B 291 -33.10 -13.27 -11.54
C ILE B 291 -33.44 -14.53 -10.76
N LYS B 292 -32.92 -15.66 -11.23
CA LYS B 292 -33.16 -16.94 -10.57
C LYS B 292 -32.72 -16.89 -9.11
N ILE B 293 -31.50 -16.39 -8.86
CA ILE B 293 -31.01 -16.28 -7.49
C ILE B 293 -31.92 -15.35 -6.69
N ASP B 294 -32.26 -14.19 -7.26
CA ASP B 294 -33.08 -13.22 -6.54
C ASP B 294 -34.46 -13.77 -6.24
N GLN B 295 -35.12 -14.36 -7.25
CA GLN B 295 -36.51 -14.75 -7.12
C GLN B 295 -36.70 -16.07 -6.39
N GLN B 296 -35.86 -17.06 -6.69
CA GLN B 296 -36.05 -18.42 -6.21
C GLN B 296 -35.19 -18.74 -4.99
N PHE B 297 -33.89 -18.48 -5.07
CA PHE B 297 -32.94 -18.95 -4.07
C PHE B 297 -32.69 -17.95 -2.94
N SER B 298 -32.94 -16.66 -3.16
CA SER B 298 -32.62 -15.67 -2.15
C SER B 298 -33.68 -15.64 -1.06
N THR B 299 -33.25 -15.30 0.15
CA THR B 299 -34.15 -15.19 1.29
C THR B 299 -34.90 -13.85 1.31
N ASN B 300 -34.46 -12.86 0.54
CA ASN B 300 -35.08 -11.54 0.49
C ASN B 300 -35.26 -11.15 -0.96
N PRO B 301 -36.12 -11.85 -1.69
CA PRO B 301 -36.30 -11.57 -3.12
C PRO B 301 -36.74 -10.12 -3.34
N GLY B 302 -36.17 -9.52 -4.38
CA GLY B 302 -36.42 -8.12 -4.66
C GLY B 302 -35.62 -7.15 -3.83
N PHE B 303 -34.67 -7.64 -3.03
CA PHE B 303 -33.85 -6.80 -2.18
C PHE B 303 -32.39 -7.16 -2.36
N GLN B 304 -31.53 -6.19 -2.01
CA GLN B 304 -30.09 -6.41 -1.99
C GLN B 304 -29.58 -6.93 -3.34
N LEU B 305 -30.11 -6.35 -4.42
CA LEU B 305 -29.78 -6.88 -5.74
C LEU B 305 -28.36 -6.53 -6.15
N PHE B 306 -27.92 -5.31 -5.85
CA PHE B 306 -26.51 -4.97 -6.03
C PHE B 306 -25.64 -5.98 -5.28
N GLU B 307 -26.00 -6.25 -4.02
CA GLU B 307 -25.28 -7.23 -3.23
C GLU B 307 -25.24 -8.59 -3.92
N LYS B 308 -26.38 -9.03 -4.45
CA LYS B 308 -26.49 -10.34 -5.06
C LYS B 308 -25.64 -10.50 -6.30
N ARG B 309 -24.99 -9.43 -6.78
CA ARG B 309 -24.09 -9.50 -7.92
C ARG B 309 -22.63 -9.32 -7.52
N VAL B 310 -22.33 -9.10 -6.24
CA VAL B 310 -21.01 -8.65 -5.83
C VAL B 310 -20.48 -9.47 -4.67
N SER B 311 -21.30 -9.69 -3.65
CA SER B 311 -20.79 -10.24 -2.39
C SER B 311 -20.55 -11.75 -2.49
N GLY B 312 -19.78 -12.26 -1.53
CA GLY B 312 -19.33 -13.64 -1.59
C GLY B 312 -20.42 -14.66 -1.32
N LEU B 313 -21.52 -14.25 -0.71
CA LEU B 313 -22.62 -15.19 -0.48
C LEU B 313 -23.24 -15.68 -1.78
N TYR B 314 -23.09 -14.93 -2.87
CA TYR B 314 -23.85 -15.16 -4.09
C TYR B 314 -23.00 -15.52 -5.30
N LEU B 315 -21.70 -15.25 -5.29
CA LEU B 315 -20.92 -15.44 -6.51
C LEU B 315 -20.82 -16.91 -6.88
N GLY B 316 -20.49 -17.76 -5.92
CA GLY B 316 -20.45 -19.19 -6.19
C GLY B 316 -21.78 -19.73 -6.65
N GLU B 317 -22.87 -19.21 -6.09
CA GLU B 317 -24.21 -19.62 -6.52
C GLU B 317 -24.47 -19.21 -7.97
N ILE B 318 -23.85 -18.13 -8.43
CA ILE B 318 -24.03 -17.72 -9.82
C ILE B 318 -23.40 -18.75 -10.75
N LEU B 319 -22.26 -19.30 -10.38
CA LEU B 319 -21.65 -20.35 -11.19
C LEU B 319 -22.52 -21.59 -11.22
N ARG B 320 -23.08 -21.99 -10.07
CA ARG B 320 -23.87 -23.21 -10.01
C ARG B 320 -25.05 -23.13 -10.98
N ASN B 321 -25.69 -21.97 -11.08
CA ASN B 321 -26.81 -21.84 -12.02
C ASN B 321 -26.32 -21.82 -13.47
N ILE B 322 -25.13 -21.28 -13.73
CA ILE B 322 -24.59 -21.34 -15.08
C ILE B 322 -24.34 -22.79 -15.47
N LEU B 323 -23.82 -23.59 -14.53
CA LEU B 323 -23.51 -24.98 -14.84
C LEU B 323 -24.79 -25.78 -15.07
N LEU B 324 -25.79 -25.61 -14.20
CA LEU B 324 -27.05 -26.32 -14.38
C LEU B 324 -27.69 -25.95 -15.72
N ASP B 325 -27.70 -24.66 -16.06
CA ASP B 325 -28.25 -24.24 -17.34
C ASP B 325 -27.50 -24.91 -18.50
N LEU B 326 -26.18 -25.07 -18.37
CA LEU B 326 -25.43 -25.73 -19.43
C LEU B 326 -25.71 -27.22 -19.46
N GLU B 327 -26.03 -27.82 -18.31
CA GLU B 327 -26.43 -29.22 -18.29
C GLU B 327 -27.86 -29.39 -18.79
N LYS B 328 -28.76 -28.48 -18.40
CA LYS B 328 -30.12 -28.52 -18.95
C LYS B 328 -30.10 -28.49 -20.46
N GLN B 329 -29.20 -27.71 -21.05
CA GLN B 329 -29.07 -27.62 -22.49
C GLN B 329 -28.27 -28.78 -23.06
N GLU B 330 -27.95 -29.79 -22.26
CA GLU B 330 -27.19 -30.96 -22.70
C GLU B 330 -25.88 -30.53 -23.34
N LEU B 331 -25.18 -29.64 -22.64
CA LEU B 331 -23.88 -29.15 -23.07
C LEU B 331 -22.75 -29.49 -22.11
N PHE B 332 -23.04 -29.60 -20.81
CA PHE B 332 -22.02 -29.86 -19.80
C PHE B 332 -22.42 -31.08 -18.98
N ASP B 333 -21.51 -32.06 -18.91
CA ASP B 333 -21.77 -33.29 -18.17
C ASP B 333 -21.49 -33.05 -16.69
N LEU B 334 -22.53 -33.16 -15.87
CA LEU B 334 -22.41 -32.92 -14.43
C LEU B 334 -22.07 -34.17 -13.64
N LYS B 335 -21.83 -35.30 -14.31
CA LYS B 335 -21.38 -36.52 -13.64
C LYS B 335 -22.30 -36.85 -12.47
N GLU B 336 -21.74 -37.38 -11.39
CA GLU B 336 -22.48 -37.68 -10.17
C GLU B 336 -22.43 -36.53 -9.16
N SER B 337 -22.34 -35.29 -9.62
CA SER B 337 -22.25 -34.16 -8.73
C SER B 337 -23.55 -33.96 -7.95
N VAL B 338 -23.48 -33.13 -6.91
CA VAL B 338 -24.62 -32.82 -6.07
C VAL B 338 -25.03 -31.35 -6.22
N LEU B 339 -24.65 -30.71 -7.33
CA LEU B 339 -25.04 -29.31 -7.53
C LEU B 339 -26.55 -29.16 -7.62
N LYS B 340 -27.21 -30.07 -8.34
CA LYS B 340 -28.65 -29.99 -8.49
C LYS B 340 -29.35 -30.00 -7.13
N ASN B 341 -30.24 -29.04 -6.93
CA ASN B 341 -31.07 -28.98 -5.73
C ASN B 341 -30.25 -28.80 -4.46
N ASN B 342 -29.14 -28.05 -4.56
CA ASN B 342 -28.31 -27.71 -3.42
C ASN B 342 -27.81 -26.29 -3.60
N PRO B 343 -28.67 -25.29 -3.31
CA PRO B 343 -28.25 -23.91 -3.52
C PRO B 343 -27.10 -23.52 -2.61
N PHE B 344 -26.19 -22.72 -3.15
CA PHE B 344 -25.03 -22.18 -2.43
C PHE B 344 -24.00 -23.23 -2.09
N ILE B 345 -24.16 -24.46 -2.59
CA ILE B 345 -23.16 -25.49 -2.34
C ILE B 345 -21.81 -25.06 -2.91
N LEU B 346 -21.82 -24.27 -3.99
CA LEU B 346 -20.60 -23.67 -4.51
C LEU B 346 -20.42 -22.31 -3.85
N THR B 347 -19.37 -22.19 -3.06
CA THR B 347 -19.07 -20.96 -2.33
C THR B 347 -18.09 -20.10 -3.10
N THR B 348 -17.99 -18.83 -2.70
CA THR B 348 -16.95 -17.98 -3.25
C THR B 348 -15.57 -18.51 -2.89
N GLU B 349 -15.46 -19.20 -1.75
CA GLU B 349 -14.20 -19.85 -1.40
C GLU B 349 -13.83 -20.93 -2.41
N THR B 350 -14.83 -21.55 -3.04
CA THR B 350 -14.53 -22.51 -4.10
C THR B 350 -14.00 -21.78 -5.35
N LEU B 351 -14.63 -20.65 -5.70
CA LEU B 351 -14.20 -19.90 -6.88
C LEU B 351 -12.80 -19.34 -6.69
N SER B 352 -12.42 -18.96 -5.47
CA SER B 352 -11.11 -18.37 -5.25
C SER B 352 -9.98 -19.32 -5.64
N HIS B 353 -10.20 -20.62 -5.49
CA HIS B 353 -9.22 -21.62 -5.93
C HIS B 353 -9.21 -21.78 -7.44
N ILE B 354 -10.18 -21.22 -8.15
CA ILE B 354 -10.29 -21.37 -9.60
C ILE B 354 -9.76 -20.13 -10.29
N GLU B 355 -9.87 -18.98 -9.63
CA GLU B 355 -9.60 -17.70 -10.27
C GLU B 355 -8.21 -17.66 -10.92
N ILE B 356 -7.19 -18.10 -10.18
CA ILE B 356 -5.81 -17.97 -10.62
C ILE B 356 -5.14 -19.32 -10.87
N ASP B 357 -5.91 -20.41 -10.82
CA ASP B 357 -5.34 -21.71 -11.18
C ASP B 357 -4.74 -21.65 -12.58
N THR B 358 -3.68 -22.41 -12.78
CA THR B 358 -2.90 -22.38 -14.01
C THR B 358 -3.07 -23.67 -14.79
N VAL B 359 -2.91 -23.57 -16.10
CA VAL B 359 -2.98 -24.74 -16.97
C VAL B 359 -1.73 -25.60 -16.90
N GLU B 360 -0.61 -25.03 -16.43
CA GLU B 360 0.63 -25.81 -16.32
C GLU B 360 0.49 -26.95 -15.32
N ASN B 361 -0.50 -26.89 -14.44
CA ASN B 361 -0.80 -27.97 -13.50
C ASN B 361 -2.12 -28.64 -13.84
N ASP B 362 -2.52 -28.62 -15.12
CA ASP B 362 -3.77 -29.22 -15.56
C ASP B 362 -4.95 -28.67 -14.77
N LEU B 363 -4.83 -27.44 -14.28
CA LEU B 363 -5.85 -26.81 -13.46
C LEU B 363 -6.32 -27.78 -12.36
N GLN B 364 -5.34 -28.30 -11.61
CA GLN B 364 -5.64 -29.30 -10.59
C GLN B 364 -6.36 -28.70 -9.39
N ASP B 365 -6.08 -27.44 -9.05
CA ASP B 365 -6.80 -26.80 -7.96
C ASP B 365 -8.29 -26.74 -8.25
N THR B 366 -8.65 -26.36 -9.47
CA THR B 366 -10.06 -26.33 -9.85
C THR B 366 -10.68 -27.73 -9.75
N ARG B 367 -9.94 -28.75 -10.18
CA ARG B 367 -10.44 -30.12 -10.07
C ARG B 367 -10.71 -30.49 -8.61
N ASP B 368 -9.71 -30.32 -7.75
CA ASP B 368 -9.89 -30.67 -6.34
C ASP B 368 -10.95 -29.79 -5.70
N ALA B 369 -10.95 -28.49 -6.02
CA ALA B 369 -11.92 -27.59 -5.42
C ALA B 369 -13.34 -27.98 -5.80
N LEU B 370 -13.54 -28.43 -7.04
CA LEU B 370 -14.88 -28.82 -7.48
C LEU B 370 -15.30 -30.16 -6.88
N LEU B 371 -14.35 -31.08 -6.71
CA LEU B 371 -14.66 -32.35 -6.08
C LEU B 371 -14.95 -32.17 -4.59
N LYS B 372 -14.19 -31.31 -3.92
CA LYS B 372 -14.38 -31.11 -2.48
C LYS B 372 -15.72 -30.45 -2.17
N ALA B 373 -16.22 -29.61 -3.08
CA ALA B 373 -17.38 -28.80 -2.79
C ALA B 373 -18.70 -29.45 -3.21
N ALA B 374 -18.68 -30.32 -4.22
CA ALA B 374 -19.92 -30.92 -4.70
C ALA B 374 -19.69 -32.21 -5.47
N ASP B 375 -18.58 -32.89 -5.19
CA ASP B 375 -18.26 -34.17 -5.83
C ASP B 375 -18.51 -34.11 -7.34
N LEU B 376 -17.98 -33.06 -7.96
CA LEU B 376 -18.10 -32.86 -9.41
C LEU B 376 -16.73 -33.12 -10.03
N GLU B 377 -16.65 -34.16 -10.84
CA GLU B 377 -15.45 -34.43 -11.61
C GLU B 377 -15.51 -33.65 -12.92
N THR B 378 -14.33 -33.29 -13.42
CA THR B 378 -14.22 -32.46 -14.61
C THR B 378 -13.03 -32.90 -15.43
N THR B 379 -13.15 -32.77 -16.75
CA THR B 379 -12.01 -32.93 -17.62
C THR B 379 -11.20 -31.63 -17.64
N PHE B 380 -10.01 -31.70 -18.23
CA PHE B 380 -9.18 -30.49 -18.31
C PHE B 380 -9.86 -29.42 -19.15
N GLU B 381 -10.35 -29.80 -20.33
CA GLU B 381 -11.07 -28.85 -21.17
C GLU B 381 -12.30 -28.31 -20.46
N GLU B 382 -12.95 -29.12 -19.62
CA GLU B 382 -14.09 -28.64 -18.86
C GLU B 382 -13.65 -27.63 -17.81
N ARG B 383 -12.53 -27.89 -17.14
CA ARG B 383 -12.01 -26.94 -16.17
C ARG B 383 -11.54 -25.65 -16.84
N VAL B 384 -10.93 -25.78 -18.02
CA VAL B 384 -10.52 -24.59 -18.78
C VAL B 384 -11.71 -23.65 -18.95
N LEU B 385 -12.86 -24.19 -19.30
CA LEU B 385 -14.03 -23.36 -19.55
C LEU B 385 -14.66 -22.87 -18.26
N ILE B 386 -14.68 -23.71 -17.22
CA ILE B 386 -15.17 -23.25 -15.91
C ILE B 386 -14.35 -22.06 -15.43
N GLN B 387 -13.05 -22.03 -15.75
CA GLN B 387 -12.23 -20.89 -15.33
C GLN B 387 -12.67 -19.62 -16.04
N LYS B 388 -13.04 -19.73 -17.32
CA LYS B 388 -13.54 -18.56 -18.03
C LYS B 388 -14.78 -17.99 -17.35
N LEU B 389 -15.68 -18.85 -16.90
CA LEU B 389 -16.90 -18.39 -16.23
C LEU B 389 -16.57 -17.71 -14.90
N VAL B 390 -15.73 -18.35 -14.08
CA VAL B 390 -15.38 -17.77 -12.79
C VAL B 390 -14.77 -16.38 -12.98
N ARG B 391 -13.85 -16.25 -13.92
CA ARG B 391 -13.18 -14.98 -14.12
C ARG B 391 -14.14 -13.91 -14.63
N ALA B 392 -15.21 -14.33 -15.32
CA ALA B 392 -16.21 -13.37 -15.77
C ALA B 392 -17.12 -12.92 -14.62
N ILE B 393 -17.47 -13.85 -13.72
CA ILE B 393 -18.31 -13.51 -12.58
C ILE B 393 -17.59 -12.58 -11.62
N SER B 394 -16.29 -12.82 -11.40
CA SER B 394 -15.56 -12.01 -10.43
C SER B 394 -15.27 -10.63 -10.98
N ARG B 395 -14.86 -10.54 -12.25
CA ARG B 395 -14.56 -9.23 -12.83
C ARG B 395 -15.79 -8.33 -12.80
N ARG B 396 -16.98 -8.88 -13.08
CA ARG B 396 -18.20 -8.09 -12.96
C ARG B 396 -18.41 -7.62 -11.53
N ALA B 397 -18.17 -8.51 -10.57
CA ALA B 397 -18.36 -8.14 -9.17
C ALA B 397 -17.42 -7.01 -8.76
N ALA B 398 -16.14 -7.15 -9.10
CA ALA B 398 -15.17 -6.12 -8.75
C ALA B 398 -15.44 -4.81 -9.47
N PHE B 399 -15.95 -4.88 -10.70
CA PHE B 399 -16.26 -3.66 -11.44
C PHE B 399 -17.48 -2.96 -10.85
N LEU B 400 -18.54 -3.70 -10.54
CA LEU B 400 -19.65 -3.10 -9.83
C LEU B 400 -19.24 -2.62 -8.45
N ALA B 401 -18.30 -3.32 -7.80
CA ALA B 401 -17.85 -2.92 -6.48
C ALA B 401 -17.23 -1.54 -6.47
N ALA B 402 -16.73 -1.06 -7.62
CA ALA B 402 -16.06 0.23 -7.67
C ALA B 402 -17.05 1.38 -7.76
N VAL B 403 -18.24 1.14 -8.28
CA VAL B 403 -19.21 2.21 -8.55
C VAL B 403 -19.53 2.98 -7.27
N PRO B 404 -19.97 2.33 -6.20
CA PRO B 404 -20.34 3.10 -5.00
C PRO B 404 -19.20 3.93 -4.44
N ILE B 405 -17.97 3.45 -4.55
CA ILE B 405 -16.82 4.18 -4.04
C ILE B 405 -16.59 5.43 -4.89
N ALA B 406 -16.49 5.25 -6.20
CA ALA B 406 -16.36 6.40 -7.10
C ALA B 406 -17.48 7.41 -6.84
N ALA B 407 -18.72 6.92 -6.74
CA ALA B 407 -19.86 7.81 -6.54
C ALA B 407 -19.69 8.65 -5.29
N ILE B 408 -19.31 8.01 -4.17
CA ILE B 408 -19.15 8.76 -2.93
C ILE B 408 -18.02 9.77 -3.06
N LEU B 409 -16.89 9.35 -3.62
CA LEU B 409 -15.75 10.25 -3.77
C LEU B 409 -16.13 11.46 -4.62
N ILE B 410 -16.93 11.25 -5.65
CA ILE B 410 -17.34 12.36 -6.51
C ILE B 410 -18.28 13.30 -5.76
N LYS B 411 -19.33 12.75 -5.14
CA LYS B 411 -20.32 13.59 -4.46
C LYS B 411 -19.66 14.52 -3.46
N THR B 412 -18.73 13.99 -2.67
CA THR B 412 -18.06 14.76 -1.62
C THR B 412 -16.81 15.45 -2.12
N ASN B 413 -16.48 15.33 -3.40
CA ASN B 413 -15.28 15.92 -3.98
C ASN B 413 -14.09 15.76 -3.03
N ALA B 414 -13.81 14.50 -2.71
CA ALA B 414 -12.79 14.18 -1.73
C ALA B 414 -11.38 14.15 -2.31
N LEU B 415 -11.23 14.04 -3.62
CA LEU B 415 -9.90 13.87 -4.19
C LEU B 415 -9.23 15.19 -4.56
N ASN B 416 -10.00 16.25 -4.80
CA ASN B 416 -9.46 17.55 -5.12
C ASN B 416 -9.65 18.50 -3.94
N GLN B 417 -8.92 18.22 -2.86
CA GLN B 417 -9.03 18.99 -1.63
C GLN B 417 -7.75 19.71 -1.25
N SER B 418 -6.60 19.32 -1.81
CA SER B 418 -5.34 20.00 -1.59
C SER B 418 -4.31 19.37 -2.50
N TYR B 419 -3.17 20.03 -2.65
CA TYR B 419 -2.09 19.50 -3.45
C TYR B 419 -1.65 18.16 -2.87
N HIS B 420 -1.47 17.17 -3.74
CA HIS B 420 -1.00 15.84 -3.38
C HIS B 420 -2.02 15.06 -2.56
N CYS B 421 -3.26 15.53 -2.47
CA CYS B 421 -4.22 14.92 -1.56
C CYS B 421 -4.57 13.51 -2.02
N GLN B 422 -4.46 12.56 -1.10
CA GLN B 422 -4.85 11.18 -1.32
C GLN B 422 -5.99 10.83 -0.36
N VAL B 423 -6.78 9.83 -0.73
CA VAL B 423 -7.84 9.33 0.12
C VAL B 423 -7.61 7.85 0.37
N GLU B 424 -8.08 7.40 1.53
CA GLU B 424 -7.94 6.01 1.96
C GLU B 424 -9.34 5.41 2.11
N VAL B 425 -9.53 4.23 1.52
CA VAL B 425 -10.79 3.50 1.61
C VAL B 425 -10.52 2.25 2.43
N GLY B 426 -11.12 2.18 3.62
CA GLY B 426 -10.96 1.01 4.47
C GLY B 426 -11.89 -0.10 4.05
N CYS B 427 -11.32 -1.27 3.75
CA CYS B 427 -12.09 -2.41 3.26
C CYS B 427 -11.91 -3.59 4.21
N ASP B 428 -13.01 -4.26 4.49
CA ASP B 428 -13.02 -5.48 5.27
C ASP B 428 -13.93 -6.48 4.57
N GLY B 429 -13.66 -7.77 4.80
CA GLY B 429 -14.48 -8.82 4.22
C GLY B 429 -13.65 -9.85 3.49
N SER B 430 -14.12 -11.10 3.52
CA SER B 430 -13.35 -12.20 2.97
C SER B 430 -13.05 -12.00 1.49
N VAL B 431 -13.95 -11.34 0.76
CA VAL B 431 -13.75 -11.20 -0.69
C VAL B 431 -12.60 -10.23 -0.98
N VAL B 432 -12.76 -8.98 -0.57
CA VAL B 432 -11.73 -7.98 -0.84
C VAL B 432 -10.41 -8.37 -0.17
N GLU B 433 -10.48 -9.05 0.98
CA GLU B 433 -9.26 -9.43 1.68
C GLU B 433 -8.52 -10.55 0.96
N HIS B 434 -9.24 -11.57 0.51
CA HIS B 434 -8.62 -12.83 0.14
C HIS B 434 -8.97 -13.34 -1.26
N TYR B 435 -9.84 -12.67 -2.01
CA TYR B 435 -10.15 -13.16 -3.34
C TYR B 435 -9.07 -12.71 -4.32
N PRO B 436 -8.36 -13.63 -4.99
CA PRO B 436 -7.26 -13.22 -5.88
C PRO B 436 -7.64 -12.19 -6.91
N GLY B 437 -6.93 -11.07 -6.92
CA GLY B 437 -7.10 -10.06 -7.96
C GLY B 437 -8.34 -9.21 -7.84
N PHE B 438 -9.11 -9.34 -6.77
CA PHE B 438 -10.33 -8.55 -6.64
C PHE B 438 -10.01 -7.06 -6.55
N ARG B 439 -9.10 -6.69 -5.63
CA ARG B 439 -8.69 -5.30 -5.53
C ARG B 439 -8.07 -4.80 -6.83
N SER B 440 -7.33 -5.67 -7.52
CA SER B 440 -6.71 -5.28 -8.78
C SER B 440 -7.77 -4.90 -9.80
N MET B 441 -8.88 -5.63 -9.83
CA MET B 441 -9.93 -5.32 -10.79
C MET B 441 -10.78 -4.13 -10.33
N MET B 442 -10.98 -3.97 -9.03
CA MET B 442 -11.66 -2.77 -8.54
C MET B 442 -10.94 -1.51 -8.99
N ARG B 443 -9.62 -1.48 -8.87
CA ARG B 443 -8.86 -0.31 -9.29
C ARG B 443 -9.00 -0.09 -10.78
N HIS B 444 -8.95 -1.16 -11.57
CA HIS B 444 -9.20 -1.04 -13.01
C HIS B 444 -10.53 -0.35 -13.27
N ALA B 445 -11.56 -0.72 -12.51
CA ALA B 445 -12.88 -0.09 -12.71
C ALA B 445 -12.86 1.38 -12.27
N LEU B 446 -12.25 1.67 -11.11
CA LEU B 446 -12.15 3.06 -10.68
C LEU B 446 -11.47 3.92 -11.73
N ALA B 447 -10.42 3.39 -12.38
CA ALA B 447 -9.75 4.14 -13.43
C ALA B 447 -10.66 4.38 -14.62
N LEU B 448 -11.59 3.47 -14.88
CA LEU B 448 -12.59 3.67 -15.92
C LEU B 448 -13.73 4.56 -15.47
N SER B 449 -13.97 4.67 -14.17
CA SER B 449 -15.05 5.48 -13.65
C SER B 449 -14.79 6.95 -13.95
N PRO B 450 -15.76 7.83 -13.67
CA PRO B 450 -15.56 9.26 -13.95
C PRO B 450 -14.39 9.90 -13.23
N ILE B 451 -13.77 9.24 -12.24
CA ILE B 451 -12.61 9.84 -11.60
C ILE B 451 -11.34 9.60 -12.39
N GLY B 452 -11.33 8.62 -13.30
CA GLY B 452 -10.24 8.42 -14.21
C GLY B 452 -9.01 7.83 -13.58
N PRO B 453 -7.99 7.51 -14.40
CA PRO B 453 -6.74 6.99 -13.83
C PRO B 453 -6.09 7.96 -12.85
N GLU B 454 -6.17 9.26 -13.12
CA GLU B 454 -5.63 10.24 -12.18
C GLU B 454 -6.32 10.13 -10.83
N GLY B 455 -7.59 9.75 -10.81
CA GLY B 455 -8.32 9.58 -9.57
C GLY B 455 -7.97 8.28 -8.85
N GLU B 456 -7.96 7.17 -9.59
CA GLU B 456 -7.59 5.88 -9.00
C GLU B 456 -6.27 6.00 -8.26
N ARG B 457 -5.29 6.69 -8.84
CA ARG B 457 -3.98 6.79 -8.21
C ARG B 457 -4.06 7.52 -6.88
N ASP B 458 -5.00 8.45 -6.73
CA ASP B 458 -5.18 9.14 -5.47
C ASP B 458 -6.06 8.37 -4.48
N VAL B 459 -6.51 7.18 -4.84
CA VAL B 459 -7.35 6.34 -3.98
C VAL B 459 -6.54 5.12 -3.56
N HIS B 460 -6.54 4.82 -2.27
CA HIS B 460 -5.79 3.70 -1.71
C HIS B 460 -6.74 2.78 -0.96
N LEU B 461 -6.97 1.59 -1.52
CA LEU B 461 -7.79 0.56 -0.91
C LEU B 461 -6.94 -0.18 0.12
N ARG B 462 -7.16 0.12 1.40
CA ARG B 462 -6.42 -0.48 2.50
C ARG B 462 -7.31 -1.45 3.27
N ILE B 463 -6.73 -2.56 3.69
CA ILE B 463 -7.45 -3.61 4.40
C ILE B 463 -7.48 -3.32 5.88
N SER B 464 -8.64 -3.53 6.50
CA SER B 464 -8.86 -3.40 7.94
C SER B 464 -9.32 -4.77 8.43
N LYS B 465 -8.39 -5.59 8.89
CA LYS B 465 -8.71 -6.96 9.28
C LYS B 465 -9.73 -6.99 10.42
N ASP B 466 -9.38 -6.41 11.56
CA ASP B 466 -10.21 -6.47 12.77
C ASP B 466 -10.91 -5.14 13.02
N GLY B 467 -11.37 -4.48 11.97
CA GLY B 467 -11.99 -3.17 12.09
C GLY B 467 -13.29 -3.16 12.86
N SER B 468 -14.28 -3.93 12.40
CA SER B 468 -15.59 -3.95 13.04
C SER B 468 -15.52 -3.83 14.56
N GLY B 469 -14.75 -4.71 15.20
CA GLY B 469 -14.73 -4.74 16.66
C GLY B 469 -14.03 -3.53 17.26
N VAL B 470 -12.87 -3.16 16.71
CA VAL B 470 -12.13 -2.01 17.24
C VAL B 470 -12.96 -0.74 17.14
N GLY B 471 -13.63 -0.54 16.01
CA GLY B 471 -14.47 0.65 15.86
C GLY B 471 -15.58 0.69 16.89
N ALA B 472 -16.28 -0.43 17.07
CA ALA B 472 -17.32 -0.50 18.10
C ALA B 472 -16.74 -0.16 19.47
N ALA B 473 -15.53 -0.66 19.77
CA ALA B 473 -14.88 -0.32 21.03
C ALA B 473 -14.67 1.18 21.12
N LEU B 474 -14.25 1.82 20.02
CA LEU B 474 -14.04 3.26 20.04
C LEU B 474 -15.33 4.01 20.35
N CYS B 475 -16.48 3.47 19.92
CA CYS B 475 -17.75 4.07 20.30
C CYS B 475 -18.08 3.82 21.76
N ALA B 476 -17.69 2.65 22.30
CA ALA B 476 -17.89 2.39 23.71
C ALA B 476 -17.11 3.37 24.57
N LEU B 477 -15.85 3.63 24.21
CA LEU B 477 -15.05 4.59 24.95
C LEU B 477 -15.74 5.94 25.04
N HIS B 478 -16.38 6.37 23.96
CA HIS B 478 -17.07 7.67 23.97
C HIS B 478 -18.27 7.64 24.89
N ALA B 479 -19.26 6.79 24.58
CA ALA B 479 -20.47 6.74 25.37
C ALA B 479 -20.15 6.41 26.82
N ASN B 480 -21.13 6.64 27.69
CA ASN B 480 -20.98 6.41 29.12
C ASN B 480 -21.69 5.12 29.53
N TYR B 481 -21.23 4.57 30.65
CA TYR B 481 -21.78 3.32 31.17
C TYR B 481 -23.23 3.50 31.61
C2 BGC C . 25.62 5.65 -5.45
C3 BGC C . 24.81 4.36 -5.38
C4 BGC C . 23.79 4.43 -4.26
C5 BGC C . 22.94 5.68 -4.38
C6 BGC C . 21.95 5.87 -3.25
C1 BGC C . 24.73 6.87 -5.46
O1 BGC C . 25.54 7.99 -5.38
O2 BGC C . 26.46 5.69 -6.60
O3 BGC C . 25.67 3.24 -5.16
O4 BGC C . 22.94 3.28 -4.31
O5 BGC C . 23.80 6.84 -4.38
O6 BGC C . 22.59 5.91 -1.98
H2 BGC C . 26.19 5.68 -4.64
H3 BGC C . 24.35 4.25 -6.24
H4 BGC C . 24.26 4.45 -3.39
H5 BGC C . 22.44 5.66 -5.24
H61 BGC C . 21.32 5.12 -3.26
H62 BGC C . 21.45 6.69 -3.39
H1 BGC C . 24.19 6.89 -6.29
HO1 BGC C . 25.07 8.68 -5.49
HO2 BGC C . 26.88 4.95 -6.67
HO3 BGC C . 26.30 3.27 -5.72
HO4 BGC C . 23.41 2.59 -4.27
HO6 BGC C . 22.96 5.17 -1.82
C1 MLI D . 21.55 8.42 3.25
C2 MLI D . 21.56 7.50 4.46
C3 MLI D . 21.15 7.73 1.94
O6 MLI D . 22.63 7.33 5.05
O7 MLI D . 20.49 6.96 4.79
O8 MLI D . 22.00 7.63 1.05
O9 MLI D . 19.98 7.31 1.84
H11 MLI D . 22.44 8.81 3.14
H12 MLI D . 20.93 9.16 3.42
C1 MLI E . 0.24 13.56 -8.26
C2 MLI E . 0.12 14.38 -6.98
C3 MLI E . 0.24 14.40 -9.52
O6 MLI E . 0.06 15.62 -7.09
O7 MLI E . 0.08 13.77 -5.89
O8 MLI E . -0.74 15.16 -9.72
O9 MLI E . 1.21 14.31 -10.30
H11 MLI E . -0.49 12.92 -8.30
H12 MLI E . 1.07 13.04 -8.23
C1 MLI F . 3.68 37.69 5.65
C2 MLI F . 3.72 39.11 5.10
C3 MLI F . 4.15 37.55 7.09
O6 MLI F . 4.81 39.73 5.15
O7 MLI F . 2.68 39.59 4.64
O8 MLI F . 5.34 37.83 7.35
O9 MLI F . 3.33 37.14 7.94
H11 MLI F . 2.77 37.36 5.58
H12 MLI F . 4.23 37.12 5.08
C1 MLI G . 12.03 14.73 3.55
C2 MLI G . 13.39 14.30 3.00
C3 MLI G . 11.90 14.58 5.06
O6 MLI G . 14.28 13.96 3.81
O7 MLI G . 13.55 14.30 1.76
O8 MLI G . 12.02 13.44 5.55
O9 MLI G . 11.69 15.61 5.73
H11 MLI G . 11.87 15.65 3.30
H12 MLI G . 11.34 14.19 3.12
C2 BGC H . -26.13 -5.44 5.38
C3 BGC H . -25.20 -4.34 5.84
C4 BGC H . -23.78 -4.86 6.00
C5 BGC H . -23.33 -5.56 4.72
C6 BGC H . -21.94 -6.17 4.84
C1 BGC H . -25.58 -6.17 4.17
O1 BGC H . -26.43 -7.24 3.91
O2 BGC H . -27.42 -4.92 5.08
O3 BGC H . -25.66 -3.78 7.06
O4 BGC H . -22.91 -3.78 6.28
O5 BGC H . -24.24 -6.62 4.40
O6 BGC H . -21.86 -7.12 5.90
H2 BGC H . -26.21 -6.10 6.10
H3 BGC H . -25.21 -3.62 5.14
H4 BGC H . -23.77 -5.51 6.74
H5 BGC H . -23.33 -4.91 3.98
H61 BGC H . -21.29 -5.45 4.99
H62 BGC H . -21.71 -6.61 3.99
H1 BGC H . -25.55 -5.57 3.39
HO1 BGC H . -26.19 -7.60 3.19
HO2 BGC H . -27.39 -4.49 4.36
HO3 BGC H . -26.48 -3.60 6.99
HO4 BGC H . -23.15 -3.39 6.98
HO6 BGC H . -22.00 -6.73 6.64
C1 MLI I . -6.23 -6.06 -13.19
C2 MLI I . -7.25 -5.79 -14.29
C3 MLI I . -6.12 -7.52 -12.80
O6 MLI I . -6.84 -5.37 -15.38
O7 MLI I . -8.45 -6.01 -14.03
O8 MLI I . -6.78 -8.35 -13.45
O9 MLI I . -5.37 -7.83 -11.85
H11 MLI I . -5.36 -5.73 -13.49
H12 MLI I . -6.47 -5.53 -12.40
C1 MLI J . -18.45 -12.74 7.58
C2 MLI J . -18.36 -12.76 9.10
C3 MLI J . -18.98 -11.41 7.03
O6 MLI J . -17.24 -12.88 9.62
O7 MLI J . -19.42 -12.66 9.74
O8 MLI J . -20.10 -11.03 7.43
O9 MLI J . -18.28 -10.79 6.22
H11 MLI J . -17.55 -12.90 7.20
H12 MLI J . -19.02 -13.46 7.28
C1 MLI K . -22.69 18.64 -2.79
C2 MLI K . -22.28 18.66 -1.33
C3 MLI K . -23.60 17.46 -3.14
O6 MLI K . -21.73 17.65 -0.86
O7 MLI K . -22.53 19.68 -0.66
O8 MLI K . -24.67 17.34 -2.50
O9 MLI K . -23.24 16.67 -4.04
H11 MLI K . -23.15 19.47 -3.01
H12 MLI K . -21.89 18.59 -3.35
#